data_6H5L
#
_entry.id   6H5L
#
_cell.length_a   140.200
_cell.length_b   140.200
_cell.length_c   262.110
_cell.angle_alpha   90.00
_cell.angle_beta   90.00
_cell.angle_gamma   120.00
#
_symmetry.space_group_name_H-M   'H 3 2'
#
loop_
_entity.id
_entity.type
_entity.pdbx_description
1 polymer 'Similar to hydroxylamine oxidoreductase'
2 polymer 'Conserved hypothetical cytochrome protein'
3 non-polymer 'HEME C'
4 water water
#
loop_
_entity_poly.entity_id
_entity_poly.type
_entity_poly.pdbx_seq_one_letter_code
_entity_poly.pdbx_strand_id
1 'polypeptide(L)'
;AWATEQKTEEIPPPDLYKDTPAWYQAVYKDNVGLSEGSGPFTKYFKAQMLDMYWQPNRHYEPMENLDHSIFIEQERRDLC
VICHEEATPGIVADWRSSGHKHPKSTPYLSSKTAQIEKNVGRVLDEVHCFDCHADTEKNQIRMPTGEVCGGCHRQQFDEF
LREREVGRPNHLQSWEANTIVPWYAEAARRGYLYGQHGCDMCHSGAEKCDVCHTRHKFSAVEGRQPEACMTCHMGPDHPD
AESYGESKHGKIYEKEEEHYDFTKPLVEVRPGEDYRTPTCQYCHMYEKHGRFIHNPVMKGIWRMGTVPPSNLEYTSSLKD
YPYGIKIIADKIDIYSEENVAKRSYWLEVCAKCHSDRFADTYLKSLDQFMFQAHTLADQAQKIVEDLIADGLLYPDAANR
DPYPLSDGIVKELSADFLGEPVYNAFKTLQGKFPVVGPILGVYGMFLQMQDNPSDIENMYNRLWFWYKLQGYKGTAHAQQ
DVSWWWGQAPMMMEMTRIQAEAARLRRLAGIEKTISK
;
A
2 'polypeptide(L)'
;IEIPKEVTEEGKNVYKKYCAPCHGEEGGGDGLLSRSMLPKPRNFTLGAYKFRTTPSGSLPTDEDIYRTISYGVPNSTMIP
WDILTEEQRASVVPVLKSFSEAFEYREPEPSVDVGLPLRPTERTILAGKKIYEEKLECWKCHGVEGRGDGPSASEQEDDF
GFPIKPFDFTTGKFKGGNSPTDVYLRFTTGLNGTPMPSFAKELSDDERWYLTHYVMSLVQPEKCRK
;
B
#
# COMPACT_ATOMS: atom_id res chain seq x y z
N ILE A 11 26.25 6.19 0.12
CA ILE A 11 24.95 5.55 -0.07
C ILE A 11 24.86 4.96 -1.48
N PRO A 12 24.55 3.67 -1.56
CA PRO A 12 24.55 2.98 -2.86
C PRO A 12 23.59 3.64 -3.84
N PRO A 13 23.97 3.77 -5.10
CA PRO A 13 23.08 4.37 -6.07
C PRO A 13 21.81 3.57 -6.21
N PRO A 14 20.68 4.20 -6.54
CA PRO A 14 19.41 3.49 -6.62
C PRO A 14 19.47 2.36 -7.66
N ASP A 15 19.01 1.19 -7.24
CA ASP A 15 19.04 -0.02 -8.07
C ASP A 15 17.70 -0.72 -7.96
N LEU A 16 16.95 -0.73 -9.07
CA LEU A 16 15.67 -1.42 -9.10
C LEU A 16 15.81 -2.93 -8.91
N TYR A 17 16.97 -3.49 -9.25
CA TYR A 17 17.20 -4.92 -9.22
C TYR A 17 18.01 -5.35 -8.00
N LYS A 18 17.88 -4.63 -6.89
CA LYS A 18 18.54 -5.00 -5.66
C LYS A 18 18.02 -6.33 -5.15
N ASP A 19 18.95 -7.17 -4.66
CA ASP A 19 18.61 -8.48 -4.09
C ASP A 19 18.03 -9.42 -5.15
N THR A 20 18.52 -9.30 -6.38
CA THR A 20 18.14 -10.20 -7.45
C THR A 20 19.35 -10.96 -7.95
N PRO A 21 19.22 -12.26 -8.24
CA PRO A 21 20.38 -13.03 -8.68
C PRO A 21 20.89 -12.57 -10.04
N ALA A 22 22.15 -12.93 -10.31
CA ALA A 22 22.79 -12.48 -11.54
C ALA A 22 22.09 -13.02 -12.78
N TRP A 23 21.53 -14.23 -12.70
CA TRP A 23 20.77 -14.75 -13.83
C TRP A 23 19.52 -13.92 -14.09
N TYR A 24 18.91 -13.40 -13.02
CA TYR A 24 17.71 -12.59 -13.17
C TYR A 24 18.02 -11.23 -13.78
N GLN A 25 19.12 -10.60 -13.35
CA GLN A 25 19.52 -9.32 -13.92
C GLN A 25 20.05 -9.48 -15.33
N ALA A 26 20.61 -10.64 -15.66
CA ALA A 26 21.15 -10.86 -17.00
C ALA A 26 20.05 -10.93 -18.04
N VAL A 27 18.83 -11.33 -17.65
CA VAL A 27 17.72 -11.47 -18.57
C VAL A 27 16.67 -10.39 -18.40
N TYR A 28 16.84 -9.47 -17.46
CA TYR A 28 15.84 -8.43 -17.24
C TYR A 28 16.42 -7.03 -17.22
N LYS A 29 17.68 -6.87 -16.79
CA LYS A 29 18.28 -5.54 -16.73
C LYS A 29 19.35 -5.31 -17.79
N ASP A 30 20.22 -6.28 -18.05
CA ASP A 30 21.30 -6.10 -19.02
C ASP A 30 20.72 -5.70 -20.37
N ASN A 31 21.31 -4.66 -20.97
CA ASN A 31 20.74 -4.04 -22.15
C ASN A 31 21.05 -4.88 -23.38
N VAL A 32 20.09 -5.68 -23.79
CA VAL A 32 20.03 -6.15 -25.18
C VAL A 32 19.36 -5.01 -25.95
N GLY A 33 19.39 -5.10 -27.28
CA GLY A 33 18.65 -4.10 -28.04
C GLY A 33 17.20 -4.51 -28.18
N LEU A 34 16.63 -4.34 -29.36
CA LEU A 34 15.44 -5.08 -29.75
C LEU A 34 15.79 -6.44 -30.33
N SER A 35 17.06 -6.83 -30.22
CA SER A 35 17.58 -8.07 -30.80
C SER A 35 17.20 -9.31 -30.01
N GLU A 36 16.57 -9.16 -28.86
CA GLU A 36 16.33 -10.28 -27.96
C GLU A 36 15.11 -9.97 -27.12
N GLY A 37 14.67 -10.97 -26.35
CA GLY A 37 13.54 -10.84 -25.47
C GLY A 37 13.95 -10.48 -24.05
N SER A 38 13.29 -11.10 -23.08
CA SER A 38 13.59 -10.90 -21.66
C SER A 38 13.06 -12.08 -20.87
N GLY A 39 13.64 -12.28 -19.70
CA GLY A 39 13.25 -13.37 -18.84
C GLY A 39 13.94 -14.67 -19.21
N PRO A 40 13.55 -15.77 -18.55
CA PRO A 40 14.17 -17.07 -18.86
C PRO A 40 14.03 -17.50 -20.30
N PHE A 41 13.01 -17.01 -21.01
CA PHE A 41 12.80 -17.35 -22.42
C PHE A 41 13.20 -16.20 -23.34
N THR A 42 14.24 -15.45 -22.96
CA THR A 42 14.67 -14.29 -23.76
C THR A 42 15.15 -14.71 -25.14
N LYS A 43 15.66 -15.92 -25.29
CA LYS A 43 16.18 -16.41 -26.56
C LYS A 43 15.09 -16.98 -27.47
N TYR A 44 13.84 -17.03 -27.01
CA TYR A 44 12.76 -17.64 -27.78
C TYR A 44 11.90 -16.62 -28.50
N PHE A 45 12.09 -15.32 -28.24
CA PHE A 45 11.32 -14.29 -28.92
C PHE A 45 12.16 -13.01 -28.96
N LYS A 46 11.64 -12.00 -29.64
CA LYS A 46 12.24 -10.68 -29.69
C LYS A 46 11.26 -9.66 -29.14
N ALA A 47 11.79 -8.58 -28.57
CA ALA A 47 10.96 -7.57 -27.94
C ALA A 47 10.19 -6.78 -28.98
N GLN A 48 9.01 -6.31 -28.58
CA GLN A 48 8.26 -5.38 -29.42
C GLN A 48 8.97 -4.04 -29.45
N MET A 49 8.69 -3.26 -30.50
CA MET A 49 9.41 -2.01 -30.73
C MET A 49 9.30 -1.07 -29.53
N LEU A 50 8.10 -0.93 -28.97
CA LEU A 50 7.86 0.03 -27.89
C LEU A 50 8.51 -0.38 -26.58
N ASP A 51 9.11 -1.57 -26.50
CA ASP A 51 9.83 -1.95 -25.29
C ASP A 51 11.05 -1.07 -25.04
N MET A 52 11.53 -0.36 -26.06
CA MET A 52 12.49 0.70 -25.84
C MET A 52 12.01 1.67 -24.77
N TYR A 53 10.72 2.01 -24.82
CA TYR A 53 10.12 2.96 -23.89
C TYR A 53 9.47 2.30 -22.68
N TRP A 54 8.91 1.09 -22.84
CA TRP A 54 8.25 0.46 -21.70
C TRP A 54 9.28 -0.08 -20.71
N GLN A 55 10.38 -0.63 -21.20
CA GLN A 55 11.42 -1.23 -20.35
C GLN A 55 12.78 -0.74 -20.86
N PRO A 56 13.16 0.49 -20.51
CA PRO A 56 14.35 1.09 -21.14
C PRO A 56 15.66 0.38 -20.81
N ASN A 57 15.88 0.00 -19.55
CA ASN A 57 17.14 -0.66 -19.19
C ASN A 57 17.42 -1.87 -20.07
N ARG A 58 16.39 -2.67 -20.33
CA ARG A 58 16.57 -3.91 -21.08
C ARG A 58 16.56 -3.68 -22.58
N HIS A 59 15.82 -2.69 -23.07
CA HIS A 59 15.49 -2.64 -24.50
C HIS A 59 15.67 -1.29 -25.18
N TYR A 60 16.10 -0.25 -24.49
CA TYR A 60 16.25 1.03 -25.16
C TYR A 60 17.47 1.03 -26.08
N GLU A 61 17.34 1.71 -27.22
CA GLU A 61 18.41 1.90 -28.17
C GLU A 61 18.54 3.39 -28.49
N PRO A 62 19.74 3.86 -28.83
CA PRO A 62 19.92 5.30 -29.07
C PRO A 62 19.21 5.77 -30.32
N MET A 63 18.96 7.07 -30.37
CA MET A 63 18.39 7.70 -31.55
C MET A 63 19.29 7.50 -32.76
N GLU A 64 18.70 7.61 -33.95
CA GLU A 64 19.42 7.36 -35.18
C GLU A 64 19.31 8.48 -36.22
N ASN A 65 18.51 9.51 -35.98
CA ASN A 65 18.26 10.54 -36.99
C ASN A 65 19.08 11.81 -36.75
N LEU A 66 18.90 12.44 -35.59
CA LEU A 66 19.59 13.69 -35.27
C LEU A 66 20.52 13.47 -34.08
N ASP A 67 21.82 13.61 -34.31
CA ASP A 67 22.80 13.40 -33.26
C ASP A 67 22.63 14.47 -32.17
N HIS A 68 22.50 14.01 -30.92
CA HIS A 68 22.34 14.88 -29.77
C HIS A 68 23.62 15.07 -28.98
N SER A 69 24.73 14.45 -29.41
CA SER A 69 25.93 14.42 -28.59
C SER A 69 26.51 15.81 -28.37
N ILE A 70 26.51 16.65 -29.41
CA ILE A 70 27.14 17.96 -29.29
C ILE A 70 26.42 18.84 -28.27
N PHE A 71 25.10 18.66 -28.15
CA PHE A 71 24.37 19.44 -27.15
C PHE A 71 24.65 18.94 -25.74
N ILE A 72 24.94 17.64 -25.58
CA ILE A 72 25.34 17.11 -24.28
C ILE A 72 26.81 17.42 -24.01
N GLU A 73 27.66 17.30 -25.04
CA GLU A 73 29.10 17.44 -24.83
C GLU A 73 29.49 18.82 -24.36
N GLN A 74 28.77 19.86 -24.80
CA GLN A 74 29.05 21.22 -24.38
C GLN A 74 28.01 21.73 -23.38
N GLU A 75 27.22 20.82 -22.79
CA GLU A 75 26.30 21.14 -21.69
C GLU A 75 25.36 22.28 -22.08
N ARG A 76 24.84 22.23 -23.30
CA ARG A 76 23.92 23.26 -23.80
C ARG A 76 22.49 22.90 -23.42
N ARG A 77 22.20 23.07 -22.13
CA ARG A 77 20.83 22.87 -21.65
C ARG A 77 19.86 23.82 -22.35
N ASP A 78 20.32 25.02 -22.69
CA ASP A 78 19.44 26.00 -23.32
C ASP A 78 18.95 25.52 -24.69
N LEU A 79 19.80 24.81 -25.43
CA LEU A 79 19.41 24.39 -26.77
C LEU A 79 18.37 23.28 -26.74
N CYS A 80 18.34 22.48 -25.67
CA CYS A 80 17.27 21.50 -25.51
C CYS A 80 15.91 22.18 -25.54
N VAL A 81 15.79 23.31 -24.83
CA VAL A 81 14.51 24.01 -24.75
C VAL A 81 14.24 24.78 -26.03
N ILE A 82 15.25 25.47 -26.56
CA ILE A 82 15.04 26.32 -27.75
C ILE A 82 14.52 25.49 -28.91
N CYS A 83 15.03 24.26 -29.07
CA CYS A 83 14.60 23.41 -30.18
C CYS A 83 13.28 22.73 -29.88
N HIS A 84 13.20 22.02 -28.75
CA HIS A 84 11.98 21.28 -28.42
C HIS A 84 10.82 22.19 -28.08
N GLU A 85 11.07 23.48 -27.80
CA GLU A 85 9.98 24.44 -27.68
C GLU A 85 9.16 24.49 -28.95
N GLU A 86 9.80 24.27 -30.10
CA GLU A 86 9.16 24.29 -31.41
C GLU A 86 9.00 22.91 -32.02
N ALA A 87 9.85 21.95 -31.64
CA ALA A 87 9.75 20.59 -32.18
C ALA A 87 8.64 19.81 -31.49
N THR A 88 8.58 19.86 -30.16
CA THR A 88 7.56 19.19 -29.36
C THR A 88 7.04 20.18 -28.33
N PRO A 89 6.20 21.13 -28.75
CA PRO A 89 5.72 22.16 -27.81
C PRO A 89 4.97 21.60 -26.62
N GLY A 90 4.28 20.47 -26.78
CA GLY A 90 3.51 19.91 -25.68
C GLY A 90 4.38 19.49 -24.50
N ILE A 91 5.54 18.89 -24.80
CA ILE A 91 6.43 18.44 -23.73
C ILE A 91 6.98 19.62 -22.96
N VAL A 92 7.33 20.70 -23.66
CA VAL A 92 7.85 21.89 -22.98
C VAL A 92 6.75 22.56 -22.17
N ALA A 93 5.54 22.64 -22.71
CA ALA A 93 4.44 23.24 -21.98
C ALA A 93 4.17 22.49 -20.68
N ASP A 94 4.19 21.15 -20.73
CA ASP A 94 4.08 20.38 -19.49
C ASP A 94 5.23 20.69 -18.55
N TRP A 95 6.46 20.67 -19.06
CA TRP A 95 7.63 20.83 -18.21
C TRP A 95 7.70 22.23 -17.59
N ARG A 96 7.37 23.26 -18.38
CA ARG A 96 7.36 24.61 -17.84
C ARG A 96 6.32 24.78 -16.73
N SER A 97 5.27 23.97 -16.74
CA SER A 97 4.20 24.07 -15.76
C SER A 97 4.41 23.14 -14.56
N SER A 98 5.45 22.31 -14.58
CA SER A 98 5.66 21.32 -13.52
C SER A 98 6.47 21.90 -12.37
N GLY A 99 6.47 21.16 -11.26
CA GLY A 99 7.29 21.53 -10.13
C GLY A 99 8.78 21.39 -10.38
N HIS A 100 9.16 20.68 -11.44
CA HIS A 100 10.58 20.59 -11.77
C HIS A 100 11.11 21.88 -12.36
N LYS A 101 10.27 22.64 -13.07
CA LYS A 101 10.66 23.95 -13.57
C LYS A 101 10.60 25.01 -12.47
N HIS A 102 9.62 24.91 -11.58
CA HIS A 102 9.43 25.87 -10.49
C HIS A 102 9.44 25.11 -9.16
N PRO A 103 10.61 24.64 -8.71
CA PRO A 103 10.70 23.82 -7.49
C PRO A 103 10.74 24.62 -6.20
N LYS A 104 10.83 25.94 -6.27
CA LYS A 104 10.87 26.79 -5.08
C LYS A 104 9.80 27.86 -5.17
N SER A 105 8.63 27.50 -5.72
CA SER A 105 7.53 28.43 -5.94
C SER A 105 6.49 28.40 -4.82
N THR A 106 6.51 27.40 -3.96
CA THR A 106 5.60 27.32 -2.82
C THR A 106 6.41 26.87 -1.61
N PRO A 107 5.93 27.16 -0.40
CA PRO A 107 6.63 26.66 0.80
C PRO A 107 6.80 25.15 0.81
N TYR A 108 5.79 24.40 0.37
CA TYR A 108 5.89 22.95 0.31
C TYR A 108 6.98 22.52 -0.69
N LEU A 109 6.93 23.06 -1.91
CA LEU A 109 7.93 22.72 -2.90
C LEU A 109 9.32 23.17 -2.47
N SER A 110 9.43 24.37 -1.90
CA SER A 110 10.73 24.85 -1.44
C SER A 110 11.29 23.96 -0.33
N SER A 111 10.41 23.43 0.53
CA SER A 111 10.87 22.60 1.64
C SER A 111 11.41 21.26 1.13
N LYS A 112 10.64 20.57 0.29
CA LYS A 112 11.10 19.29 -0.23
C LYS A 112 12.34 19.46 -1.10
N THR A 113 12.43 20.57 -1.83
CA THR A 113 13.60 20.82 -2.67
C THR A 113 14.86 21.00 -1.82
N ALA A 114 14.73 21.65 -0.66
CA ALA A 114 15.90 21.90 0.19
C ALA A 114 16.51 20.60 0.69
N GLN A 115 15.67 19.64 1.11
CA GLN A 115 16.19 18.35 1.56
C GLN A 115 16.85 17.59 0.42
N ILE A 116 16.30 17.70 -0.79
CA ILE A 116 16.88 17.04 -1.95
C ILE A 116 18.24 17.66 -2.28
N GLU A 117 18.36 18.99 -2.16
CA GLU A 117 19.64 19.65 -2.41
C GLU A 117 20.73 19.13 -1.47
N LYS A 118 20.37 18.89 -0.20
CA LYS A 118 21.33 18.34 0.74
C LYS A 118 21.72 16.91 0.37
N ASN A 119 20.75 16.11 -0.08
CA ASN A 119 21.03 14.71 -0.37
C ASN A 119 21.90 14.55 -1.62
N VAL A 120 21.75 15.43 -2.60
CA VAL A 120 22.50 15.31 -3.86
C VAL A 120 23.70 16.25 -3.92
N GLY A 121 23.92 17.06 -2.87
CA GLY A 121 25.06 17.95 -2.84
C GLY A 121 25.06 19.02 -3.91
N ARG A 122 23.90 19.35 -4.47
CA ARG A 122 23.80 20.30 -5.56
C ARG A 122 22.69 21.30 -5.26
N VAL A 123 22.72 22.42 -5.99
CA VAL A 123 21.67 23.42 -5.93
C VAL A 123 20.71 23.16 -7.09
N LEU A 124 19.41 23.15 -6.79
CA LEU A 124 18.37 22.83 -7.78
C LEU A 124 17.41 24.00 -7.89
N ASP A 125 17.76 24.97 -8.73
CA ASP A 125 16.82 26.03 -9.08
C ASP A 125 15.80 25.57 -10.10
N GLU A 126 16.12 24.53 -10.87
CA GLU A 126 15.17 23.89 -11.77
C GLU A 126 15.68 22.50 -12.10
N VAL A 127 14.76 21.62 -12.45
CA VAL A 127 15.08 20.28 -12.94
C VAL A 127 14.86 20.28 -14.44
N HIS A 128 15.94 20.09 -15.20
CA HIS A 128 15.95 20.32 -16.63
C HIS A 128 15.89 19.00 -17.39
N CYS A 129 15.56 19.10 -18.68
CA CYS A 129 15.62 17.93 -19.56
C CYS A 129 17.00 17.29 -19.51
N PHE A 130 18.04 18.11 -19.35
CA PHE A 130 19.39 17.58 -19.20
C PHE A 130 19.49 16.64 -18.00
N ASP A 131 18.83 17.00 -16.90
CA ASP A 131 18.96 16.22 -15.66
C ASP A 131 18.34 14.83 -15.80
N CYS A 132 17.25 14.71 -16.56
CA CYS A 132 16.55 13.45 -16.70
C CYS A 132 16.96 12.64 -17.93
N HIS A 133 17.49 13.29 -18.97
CA HIS A 133 17.70 12.62 -20.24
C HIS A 133 19.16 12.52 -20.70
N ALA A 134 20.04 13.39 -20.22
CA ALA A 134 21.39 13.49 -20.77
C ALA A 134 22.34 12.57 -20.00
N ASP A 135 22.74 11.48 -20.65
CA ASP A 135 23.80 10.63 -20.11
C ASP A 135 25.13 11.34 -20.31
N THR A 136 25.84 11.61 -19.22
CA THR A 136 27.05 12.43 -19.30
C THR A 136 28.26 11.59 -19.68
N GLU A 137 28.37 10.37 -19.16
CA GLU A 137 29.53 9.54 -19.44
C GLU A 137 29.61 9.18 -20.92
N LYS A 138 28.49 8.74 -21.50
CA LYS A 138 28.46 8.29 -22.89
C LYS A 138 28.02 9.37 -23.87
N ASN A 139 27.57 10.52 -23.37
CA ASN A 139 27.12 11.62 -24.22
C ASN A 139 26.03 11.17 -25.19
N GLN A 140 24.97 10.59 -24.62
CA GLN A 140 23.82 10.14 -25.39
C GLN A 140 22.54 10.46 -24.62
N ILE A 141 21.42 10.45 -25.34
CA ILE A 141 20.13 10.67 -24.71
C ILE A 141 19.65 9.36 -24.09
N ARG A 142 18.94 9.49 -22.97
CA ARG A 142 18.54 8.36 -22.15
C ARG A 142 17.06 8.47 -21.78
N MET A 143 16.37 7.34 -21.77
CA MET A 143 15.04 7.25 -21.19
C MET A 143 15.19 7.03 -19.69
N PRO A 144 14.80 7.99 -18.86
CA PRO A 144 15.05 7.88 -17.42
C PRO A 144 14.16 6.81 -16.78
N THR A 145 14.79 5.77 -16.27
CA THR A 145 14.10 4.77 -15.46
C THR A 145 13.92 5.31 -14.05
N GLY A 146 13.28 4.50 -13.20
CA GLY A 146 13.11 4.86 -11.81
C GLY A 146 14.41 5.03 -11.07
N GLU A 147 15.49 4.43 -11.58
CA GLU A 147 16.81 4.57 -10.97
C GLU A 147 17.35 5.99 -11.09
N VAL A 148 17.04 6.68 -12.19
CA VAL A 148 17.40 8.08 -12.32
C VAL A 148 16.56 8.93 -11.38
N CYS A 149 15.24 8.70 -11.37
CA CYS A 149 14.35 9.43 -10.47
C CYS A 149 14.74 9.21 -9.02
N GLY A 150 15.09 7.97 -8.65
CA GLY A 150 15.52 7.68 -7.30
C GLY A 150 16.78 8.40 -6.88
N GLY A 151 17.56 8.90 -7.84
CA GLY A 151 18.74 9.68 -7.50
C GLY A 151 18.41 10.93 -6.71
N CYS A 152 17.26 11.54 -6.99
CA CYS A 152 16.77 12.68 -6.23
C CYS A 152 15.67 12.31 -5.25
N HIS A 153 14.73 11.46 -5.66
CA HIS A 153 13.63 11.03 -4.81
C HIS A 153 13.92 9.66 -4.23
N ARG A 154 14.88 9.63 -3.30
CA ARG A 154 15.35 8.35 -2.77
C ARG A 154 14.30 7.71 -1.86
N GLN A 155 13.56 8.52 -1.10
CA GLN A 155 12.55 7.96 -0.21
C GLN A 155 11.41 7.30 -0.99
N GLN A 156 10.94 7.96 -2.05
CA GLN A 156 9.88 7.38 -2.86
C GLN A 156 10.35 6.13 -3.60
N PHE A 157 11.59 6.14 -4.08
CA PHE A 157 12.14 4.98 -4.77
C PHE A 157 12.19 3.77 -3.84
N ASP A 158 12.60 3.98 -2.59
CA ASP A 158 12.72 2.86 -1.66
C ASP A 158 11.36 2.34 -1.24
N GLU A 159 10.40 3.23 -1.00
CA GLU A 159 9.05 2.77 -0.67
C GLU A 159 8.40 2.06 -1.84
N PHE A 160 8.71 2.47 -3.07
CA PHE A 160 8.29 1.71 -4.23
C PHE A 160 8.99 0.36 -4.28
N LEU A 161 10.29 0.33 -3.93
CA LEU A 161 11.04 -0.92 -3.90
C LEU A 161 10.51 -1.88 -2.84
N ARG A 162 9.81 -1.37 -1.82
CA ARG A 162 9.25 -2.22 -0.78
C ARG A 162 8.09 -3.09 -1.24
N GLU A 163 7.63 -2.94 -2.49
CA GLU A 163 6.61 -3.84 -3.01
C GLU A 163 7.11 -5.27 -3.07
N ARG A 164 8.43 -5.46 -3.18
CA ARG A 164 9.01 -6.79 -3.21
C ARG A 164 8.68 -7.60 -1.96
N GLU A 165 8.32 -6.93 -0.86
CA GLU A 165 8.10 -7.64 0.41
C GLU A 165 6.84 -8.49 0.38
N VAL A 166 5.86 -8.16 -0.45
CA VAL A 166 4.62 -8.94 -0.54
C VAL A 166 4.56 -9.84 -1.77
N GLY A 167 5.46 -9.66 -2.74
CA GLY A 167 5.50 -10.50 -3.90
C GLY A 167 4.52 -10.09 -4.98
N ARG A 168 4.51 -10.86 -6.06
CA ARG A 168 3.58 -10.59 -7.15
C ARG A 168 2.14 -10.85 -6.69
N PRO A 169 1.17 -10.09 -7.23
CA PRO A 169 1.36 -9.01 -8.21
C PRO A 169 1.74 -7.68 -7.58
N ASN A 170 2.52 -6.88 -8.32
CA ASN A 170 2.89 -5.54 -7.91
C ASN A 170 3.51 -4.83 -9.10
N HIS A 171 3.80 -3.55 -8.94
CA HIS A 171 4.34 -2.76 -10.05
C HIS A 171 5.85 -2.97 -10.21
N LEU A 172 6.56 -3.21 -9.11
CA LEU A 172 8.01 -3.39 -9.20
C LEU A 172 8.37 -4.58 -10.09
N GLN A 173 7.70 -5.71 -9.88
CA GLN A 173 7.94 -6.92 -10.66
C GLN A 173 6.95 -7.06 -11.81
N SER A 174 6.50 -5.94 -12.39
CA SER A 174 5.46 -6.00 -13.40
C SER A 174 5.99 -6.55 -14.72
N TRP A 175 7.19 -6.13 -15.12
CA TRP A 175 7.74 -6.63 -16.38
C TRP A 175 8.16 -8.10 -16.26
N GLU A 176 8.49 -8.55 -15.05
CA GLU A 176 8.76 -9.96 -14.84
C GLU A 176 7.54 -10.79 -15.20
N ALA A 177 6.39 -10.49 -14.60
CA ALA A 177 5.19 -11.26 -14.82
C ALA A 177 4.78 -11.27 -16.30
N ASN A 178 5.11 -10.22 -17.03
CA ASN A 178 4.70 -10.13 -18.43
C ASN A 178 5.37 -11.21 -19.27
N THR A 179 6.71 -11.28 -19.22
CA THR A 179 7.48 -12.13 -20.12
C THR A 179 7.94 -13.43 -19.48
N ILE A 180 7.68 -13.65 -18.19
CA ILE A 180 8.13 -14.89 -17.57
C ILE A 180 7.20 -16.06 -17.91
N VAL A 181 5.93 -15.77 -18.18
CA VAL A 181 4.99 -16.86 -18.48
C VAL A 181 5.31 -17.44 -19.86
N PRO A 182 5.18 -18.75 -20.04
CA PRO A 182 5.65 -19.36 -21.29
C PRO A 182 4.79 -19.03 -22.51
N TRP A 183 3.53 -18.65 -22.33
CA TRP A 183 2.67 -18.39 -23.46
C TRP A 183 2.92 -17.03 -24.10
N TYR A 184 3.79 -16.21 -23.52
CA TYR A 184 4.19 -14.97 -24.19
C TYR A 184 5.11 -15.28 -25.36
N ALA A 185 6.19 -16.03 -25.11
CA ALA A 185 7.12 -16.38 -26.17
C ALA A 185 6.48 -17.29 -27.20
N GLU A 186 5.58 -18.18 -26.76
CA GLU A 186 4.91 -19.07 -27.70
C GLU A 186 4.04 -18.29 -28.68
N ALA A 187 3.32 -17.28 -28.19
CA ALA A 187 2.53 -16.43 -29.09
C ALA A 187 3.44 -15.72 -30.09
N ALA A 188 4.62 -15.28 -29.65
CA ALA A 188 5.57 -14.66 -30.58
C ALA A 188 6.14 -15.67 -31.57
N ARG A 189 6.31 -16.92 -31.15
CA ARG A 189 6.75 -17.96 -32.07
C ARG A 189 5.79 -18.13 -33.23
N ARG A 190 4.49 -18.03 -32.95
CA ARG A 190 3.46 -18.28 -33.95
C ARG A 190 3.06 -17.03 -34.73
N GLY A 191 3.73 -15.92 -34.51
CA GLY A 191 3.46 -14.70 -35.25
C GLY A 191 2.49 -13.74 -34.60
N TYR A 192 2.18 -13.91 -33.31
CA TYR A 192 1.27 -13.03 -32.60
C TYR A 192 1.97 -12.23 -31.51
N LEU A 193 3.23 -11.87 -31.75
CA LEU A 193 3.98 -11.09 -30.77
C LEU A 193 3.30 -9.75 -30.50
N TYR A 194 2.93 -9.04 -31.56
CA TYR A 194 2.32 -7.72 -31.41
C TYR A 194 0.84 -7.78 -31.07
N GLY A 195 0.24 -8.97 -31.04
CA GLY A 195 -1.08 -9.11 -30.44
C GLY A 195 -1.07 -8.84 -28.95
N GLN A 196 0.11 -8.93 -28.32
CA GLN A 196 0.31 -8.61 -26.92
C GLN A 196 0.73 -7.15 -26.73
N HIS A 197 0.30 -6.26 -27.64
CA HIS A 197 0.66 -4.85 -27.57
C HIS A 197 0.23 -4.24 -26.24
N GLY A 198 -1.00 -4.47 -25.82
CA GLY A 198 -1.48 -3.94 -24.56
C GLY A 198 -0.78 -4.54 -23.35
N CYS A 199 -0.22 -5.74 -23.48
CA CYS A 199 0.44 -6.37 -22.35
C CYS A 199 1.72 -5.62 -21.96
N ASP A 200 2.59 -5.36 -22.93
CA ASP A 200 3.81 -4.61 -22.65
C ASP A 200 3.51 -3.19 -22.20
N MET A 201 2.40 -2.63 -22.68
CA MET A 201 2.03 -1.26 -22.34
C MET A 201 1.47 -1.15 -20.93
N CYS A 202 0.77 -2.18 -20.46
CA CYS A 202 0.14 -2.16 -19.14
C CYS A 202 1.08 -2.64 -18.04
N HIS A 203 2.01 -3.53 -18.37
CA HIS A 203 3.03 -3.99 -17.42
C HIS A 203 4.30 -3.16 -17.48
N SER A 204 4.22 -1.93 -17.96
CA SER A 204 5.35 -1.03 -18.09
C SER A 204 5.60 -0.20 -16.83
N GLY A 205 4.85 -0.43 -15.76
CA GLY A 205 4.99 0.36 -14.56
C GLY A 205 6.12 -0.08 -13.65
N ALA A 206 7.05 -0.87 -14.18
CA ALA A 206 8.17 -1.37 -13.39
C ALA A 206 9.37 -0.45 -13.43
N GLU A 207 9.66 0.16 -14.57
CA GLU A 207 10.76 1.10 -14.68
C GLU A 207 10.32 2.52 -15.03
N LYS A 208 9.04 2.74 -15.28
CA LYS A 208 8.52 4.06 -15.60
C LYS A 208 7.78 4.62 -14.40
N CYS A 209 8.25 5.76 -13.89
CA CYS A 209 7.60 6.45 -12.78
C CYS A 209 6.60 7.50 -13.26
N ASP A 210 6.39 7.61 -14.56
CA ASP A 210 5.42 8.53 -15.14
C ASP A 210 4.07 7.87 -15.39
N VAL A 211 3.76 6.83 -14.63
CA VAL A 211 2.67 5.92 -14.98
C VAL A 211 1.39 6.31 -14.25
N CYS A 212 1.52 6.85 -13.04
CA CYS A 212 0.40 7.44 -12.31
C CYS A 212 0.39 8.96 -12.43
N HIS A 213 1.46 9.63 -12.00
CA HIS A 213 1.67 11.04 -12.31
C HIS A 213 2.40 11.11 -13.65
N THR A 214 1.68 11.54 -14.69
CA THR A 214 2.09 11.33 -16.07
C THR A 214 3.27 12.22 -16.44
N ARG A 215 3.62 12.17 -17.73
CA ARG A 215 4.92 12.63 -18.19
C ARG A 215 4.99 14.14 -18.29
N HIS A 216 6.10 14.69 -17.78
CA HIS A 216 6.54 16.06 -18.01
C HIS A 216 5.69 17.09 -17.28
N LYS A 217 4.58 16.66 -16.70
CA LYS A 217 3.93 17.47 -15.68
C LYS A 217 4.22 16.94 -14.28
N PHE A 218 4.36 15.63 -14.15
CA PHE A 218 4.76 14.95 -12.91
C PHE A 218 4.04 15.56 -11.71
N SER A 219 2.71 15.59 -11.81
CA SER A 219 1.88 16.28 -10.83
C SER A 219 1.46 15.31 -9.74
N ALA A 220 1.84 15.63 -8.49
CA ALA A 220 1.35 14.84 -7.36
C ALA A 220 -0.16 14.96 -7.22
N VAL A 221 -0.73 16.10 -7.63
CA VAL A 221 -2.18 16.23 -7.66
C VAL A 221 -2.79 15.21 -8.61
N GLU A 222 -2.17 15.03 -9.78
CA GLU A 222 -2.70 14.06 -10.74
C GLU A 222 -2.47 12.64 -10.27
N GLY A 223 -1.34 12.38 -9.60
CA GLY A 223 -1.07 11.04 -9.11
C GLY A 223 -2.05 10.60 -8.02
N ARG A 224 -2.61 11.56 -7.29
CA ARG A 224 -3.51 11.24 -6.18
C ARG A 224 -4.97 11.12 -6.61
N GLN A 225 -5.32 11.54 -7.82
CA GLN A 225 -6.73 11.34 -8.15
C GLN A 225 -6.94 9.95 -8.74
N PRO A 226 -8.10 9.35 -8.48
CA PRO A 226 -8.34 7.95 -8.89
C PRO A 226 -8.15 7.69 -10.38
N GLU A 227 -8.39 8.69 -11.23
CA GLU A 227 -8.32 8.47 -12.68
C GLU A 227 -6.91 8.11 -13.15
N ALA A 228 -5.88 8.37 -12.33
CA ALA A 228 -4.52 8.05 -12.74
C ALA A 228 -4.28 6.55 -12.80
N CYS A 229 -5.10 5.74 -12.12
CA CYS A 229 -4.94 4.30 -12.10
C CYS A 229 -5.84 3.58 -13.07
N MET A 230 -6.80 4.27 -13.68
CA MET A 230 -7.89 3.61 -14.39
C MET A 230 -7.53 3.21 -15.82
N THR A 231 -6.45 3.77 -16.39
CA THR A 231 -6.03 3.34 -17.71
C THR A 231 -5.56 1.90 -17.71
N CYS A 232 -4.95 1.46 -16.61
CA CYS A 232 -4.47 0.08 -16.47
C CYS A 232 -5.46 -0.81 -15.71
N HIS A 233 -6.03 -0.33 -14.60
CA HIS A 233 -6.85 -1.15 -13.73
C HIS A 233 -8.31 -1.11 -14.17
N MET A 234 -8.57 -1.80 -15.27
CA MET A 234 -9.92 -1.95 -15.80
C MET A 234 -10.00 -3.28 -16.53
N GLY A 235 -11.23 -3.69 -16.85
CA GLY A 235 -11.42 -4.82 -17.73
C GLY A 235 -11.89 -6.10 -17.06
N PRO A 236 -11.89 -7.18 -17.84
CA PRO A 236 -12.57 -8.41 -17.39
C PRO A 236 -11.84 -9.17 -16.29
N ASP A 237 -10.51 -9.04 -16.18
CA ASP A 237 -9.80 -9.76 -15.13
C ASP A 237 -9.48 -8.89 -13.93
N HIS A 238 -9.74 -7.58 -14.00
CA HIS A 238 -9.62 -6.69 -12.86
C HIS A 238 -10.40 -5.41 -13.12
N PRO A 239 -11.73 -5.42 -12.93
CA PRO A 239 -12.55 -4.23 -13.19
C PRO A 239 -12.49 -3.22 -12.04
N ASP A 240 -11.28 -2.79 -11.70
CA ASP A 240 -11.11 -1.92 -10.54
C ASP A 240 -11.66 -0.53 -10.79
N ALA A 241 -11.42 0.03 -11.98
CA ALA A 241 -11.93 1.35 -12.30
C ALA A 241 -13.45 1.38 -12.31
N GLU A 242 -14.07 0.36 -12.92
CA GLU A 242 -15.53 0.32 -12.99
C GLU A 242 -16.15 0.08 -11.63
N SER A 243 -15.58 -0.84 -10.84
CA SER A 243 -16.18 -1.17 -9.55
C SER A 243 -16.06 -0.02 -8.57
N TYR A 244 -14.93 0.70 -8.56
CA TYR A 244 -14.81 1.86 -7.69
C TYR A 244 -15.62 3.04 -8.24
N GLY A 245 -15.39 3.39 -9.50
CA GLY A 245 -16.04 4.55 -10.08
C GLY A 245 -17.55 4.53 -9.94
N GLU A 246 -18.16 3.37 -10.09
CA GLU A 246 -19.60 3.24 -10.01
C GLU A 246 -20.10 2.93 -8.60
N SER A 247 -19.21 2.87 -7.61
CA SER A 247 -19.64 2.73 -6.23
C SER A 247 -20.05 4.09 -5.68
N LYS A 248 -20.71 4.08 -4.51
CA LYS A 248 -21.04 5.33 -3.84
C LYS A 248 -19.80 6.13 -3.51
N HIS A 249 -18.68 5.46 -3.20
CA HIS A 249 -17.42 6.14 -3.00
C HIS A 249 -17.01 6.92 -4.25
N GLY A 250 -17.13 6.30 -5.42
CA GLY A 250 -16.73 6.92 -6.66
C GLY A 250 -17.72 7.94 -7.20
N LYS A 251 -19.02 7.64 -7.04
CA LYS A 251 -20.04 8.59 -7.48
C LYS A 251 -19.98 9.88 -6.70
N ILE A 252 -19.71 9.80 -5.39
CA ILE A 252 -19.59 10.99 -4.57
C ILE A 252 -18.33 11.76 -4.92
N TYR A 253 -17.23 11.05 -5.19
CA TYR A 253 -16.00 11.72 -5.61
C TYR A 253 -16.19 12.44 -6.93
N GLU A 254 -16.80 11.77 -7.92
CA GLU A 254 -16.96 12.37 -9.23
C GLU A 254 -17.84 13.61 -9.19
N LYS A 255 -18.82 13.65 -8.28
CA LYS A 255 -19.74 14.78 -8.19
C LYS A 255 -19.31 15.82 -7.15
N GLU A 256 -18.34 15.52 -6.30
CA GLU A 256 -17.83 16.48 -5.34
C GLU A 256 -16.33 16.74 -5.52
N GLU A 257 -15.76 16.37 -6.67
CA GLU A 257 -14.32 16.45 -6.85
C GLU A 257 -13.79 17.88 -6.73
N GLU A 258 -14.61 18.88 -7.06
CA GLU A 258 -14.15 20.26 -6.98
C GLU A 258 -13.75 20.64 -5.55
N HIS A 259 -14.37 20.01 -4.55
CA HIS A 259 -14.08 20.31 -3.16
C HIS A 259 -13.12 19.31 -2.52
N TYR A 260 -12.55 18.40 -3.31
CA TYR A 260 -11.45 17.55 -2.85
C TYR A 260 -10.15 18.32 -2.98
N ASP A 261 -9.32 18.29 -1.93
CA ASP A 261 -8.04 18.99 -1.92
C ASP A 261 -6.95 17.96 -2.23
N PHE A 262 -6.63 17.83 -3.51
CA PHE A 262 -5.58 16.91 -3.95
C PHE A 262 -4.18 17.49 -3.83
N THR A 263 -4.06 18.74 -3.39
CA THR A 263 -2.74 19.32 -3.15
C THR A 263 -2.11 18.82 -1.85
N LYS A 264 -2.92 18.25 -0.95
CA LYS A 264 -2.43 17.76 0.33
C LYS A 264 -1.94 16.33 0.20
N PRO A 265 -0.74 16.02 0.70
CA PRO A 265 -0.31 14.62 0.75
C PRO A 265 -1.28 13.77 1.57
N LEU A 266 -1.24 12.46 1.32
CA LEU A 266 -2.25 11.57 1.89
C LEU A 266 -2.26 11.61 3.41
N VAL A 267 -1.08 11.73 4.03
CA VAL A 267 -1.01 11.74 5.48
C VAL A 267 -1.61 13.00 6.07
N GLU A 268 -1.73 14.07 5.30
CA GLU A 268 -2.35 15.31 5.75
C GLU A 268 -3.83 15.40 5.41
N VAL A 269 -4.37 14.42 4.69
CA VAL A 269 -5.77 14.46 4.28
C VAL A 269 -6.66 14.19 5.48
N ARG A 270 -7.54 15.14 5.79
CA ARG A 270 -8.52 14.95 6.85
C ARG A 270 -9.71 14.17 6.31
N PRO A 271 -10.01 12.99 6.85
CA PRO A 271 -11.13 12.19 6.32
C PRO A 271 -12.46 12.85 6.64
N GLY A 272 -13.25 13.11 5.59
CA GLY A 272 -14.54 13.74 5.75
C GLY A 272 -14.57 15.19 5.30
N GLU A 273 -13.50 15.93 5.59
CA GLU A 273 -13.43 17.34 5.23
C GLU A 273 -12.67 17.58 3.93
N ASP A 274 -11.56 16.88 3.72
CA ASP A 274 -10.82 17.00 2.46
C ASP A 274 -11.30 16.00 1.41
N TYR A 275 -11.46 14.74 1.81
CA TYR A 275 -12.15 13.75 1.00
C TYR A 275 -13.44 13.36 1.73
N ARG A 276 -14.57 13.41 1.03
CA ARG A 276 -15.77 12.84 1.64
C ARG A 276 -15.78 11.33 1.53
N THR A 277 -15.38 10.80 0.37
CA THR A 277 -15.20 9.38 0.13
C THR A 277 -13.77 9.11 -0.28
N PRO A 278 -13.24 7.91 -0.02
CA PRO A 278 -11.81 7.66 -0.28
C PRO A 278 -11.53 7.44 -1.75
N THR A 279 -10.26 7.57 -2.09
CA THR A 279 -9.73 7.30 -3.42
C THR A 279 -8.98 5.97 -3.40
N CYS A 280 -8.58 5.52 -4.60
CA CYS A 280 -7.72 4.35 -4.69
C CYS A 280 -6.45 4.55 -3.89
N GLN A 281 -5.87 5.76 -3.98
CA GLN A 281 -4.62 6.05 -3.27
C GLN A 281 -4.83 6.09 -1.77
N TYR A 282 -5.97 6.63 -1.31
CA TYR A 282 -6.19 6.71 0.13
C TYR A 282 -6.39 5.32 0.73
N CYS A 283 -7.19 4.48 0.08
CA CYS A 283 -7.45 3.13 0.59
C CYS A 283 -6.18 2.27 0.52
N HIS A 284 -5.48 2.29 -0.61
CA HIS A 284 -4.43 1.31 -0.87
C HIS A 284 -3.04 1.78 -0.46
N MET A 285 -2.74 3.07 -0.52
CA MET A 285 -1.42 3.53 -0.10
C MET A 285 -1.30 3.73 1.40
N TYR A 286 -2.41 3.61 2.13
CA TYR A 286 -2.32 3.47 3.58
C TYR A 286 -1.58 2.19 3.94
N GLU A 287 -0.55 2.31 4.78
CA GLU A 287 0.24 1.17 5.22
C GLU A 287 -0.30 0.56 6.51
N LYS A 288 -0.23 1.30 7.63
CA LYS A 288 -0.78 0.86 8.91
C LYS A 288 -0.70 1.96 9.97
N HIS A 289 -1.67 1.99 10.89
CA HIS A 289 -1.58 2.81 12.09
C HIS A 289 -1.32 4.29 11.78
N GLY A 290 -2.04 4.80 10.78
CA GLY A 290 -1.91 6.19 10.38
C GLY A 290 -0.71 6.52 9.54
N ARG A 291 0.03 5.51 9.07
CA ARG A 291 1.24 5.69 8.28
C ARG A 291 0.93 5.35 6.83
N PHE A 292 1.33 6.22 5.91
CA PHE A 292 1.14 5.98 4.49
C PHE A 292 2.48 5.63 3.84
N ILE A 293 2.40 5.05 2.64
CA ILE A 293 3.57 4.58 1.92
C ILE A 293 3.35 4.80 0.43
N HIS A 294 4.44 5.05 -0.29
CA HIS A 294 4.40 5.34 -1.73
C HIS A 294 4.38 4.05 -2.55
N ASN A 295 3.40 3.20 -2.25
CA ASN A 295 3.05 2.03 -3.04
C ASN A 295 1.71 1.48 -2.55
N PRO A 296 0.89 0.93 -3.43
CA PRO A 296 -0.49 0.57 -3.06
C PRO A 296 -0.73 -0.91 -2.69
N VAL A 297 0.30 -1.73 -2.56
CA VAL A 297 0.12 -3.19 -2.54
C VAL A 297 0.39 -3.82 -1.19
N MET A 298 0.70 -3.02 -0.15
CA MET A 298 1.21 -3.60 1.08
C MET A 298 0.15 -4.37 1.86
N LYS A 299 -1.13 -4.01 1.71
CA LYS A 299 -2.19 -4.60 2.52
C LYS A 299 -3.02 -5.65 1.80
N GLY A 300 -2.58 -6.13 0.63
CA GLY A 300 -3.35 -7.12 -0.10
C GLY A 300 -3.47 -8.44 0.63
N ILE A 301 -4.67 -9.03 0.57
CA ILE A 301 -4.97 -10.30 1.22
C ILE A 301 -5.45 -11.35 0.22
N TRP A 302 -6.48 -11.00 -0.52
CA TRP A 302 -7.05 -11.91 -1.55
C TRP A 302 -6.37 -11.62 -2.87
N ARG A 303 -5.24 -10.94 -2.81
CA ARG A 303 -4.47 -10.33 -3.91
C ARG A 303 -5.24 -10.25 -5.22
N MET A 304 -5.19 -11.25 -6.08
CA MET A 304 -5.85 -11.09 -7.36
C MET A 304 -7.21 -11.75 -7.42
N GLY A 305 -7.52 -12.63 -6.46
CA GLY A 305 -8.71 -13.43 -6.52
C GLY A 305 -8.53 -14.76 -7.19
N THR A 306 -7.31 -15.08 -7.62
CA THR A 306 -7.01 -16.32 -8.33
C THR A 306 -6.41 -17.39 -7.43
N VAL A 307 -5.52 -17.01 -6.52
CA VAL A 307 -4.84 -18.00 -5.67
C VAL A 307 -5.86 -18.59 -4.69
N PRO A 308 -6.00 -19.90 -4.63
CA PRO A 308 -7.01 -20.50 -3.73
C PRO A 308 -6.64 -20.27 -2.27
N PRO A 309 -7.63 -20.00 -1.42
CA PRO A 309 -7.35 -19.91 0.02
C PRO A 309 -7.16 -21.28 0.64
N SER A 310 -6.27 -21.34 1.63
CA SER A 310 -5.99 -22.58 2.34
C SER A 310 -7.10 -22.97 3.31
N ASN A 311 -8.08 -22.10 3.53
CA ASN A 311 -9.15 -22.35 4.48
C ASN A 311 -10.31 -23.13 3.85
N LEU A 312 -10.09 -23.77 2.71
CA LEU A 312 -11.13 -24.54 2.03
C LEU A 312 -10.63 -25.94 1.72
N GLU A 313 -11.56 -26.88 1.69
CA GLU A 313 -11.30 -28.26 1.31
C GLU A 313 -11.80 -28.47 -0.12
N TYR A 314 -10.88 -28.73 -1.04
CA TYR A 314 -11.19 -28.78 -2.46
C TYR A 314 -11.40 -30.23 -2.92
N THR A 315 -12.22 -30.38 -3.96
CA THR A 315 -12.50 -31.68 -4.54
C THR A 315 -11.70 -31.95 -5.80
N SER A 316 -11.32 -30.90 -6.53
CA SER A 316 -10.47 -31.05 -7.71
C SER A 316 -9.01 -31.14 -7.27
N SER A 317 -8.08 -31.05 -8.22
CA SER A 317 -6.67 -31.09 -7.88
C SER A 317 -6.20 -29.84 -7.14
N LEU A 318 -7.09 -28.86 -6.92
CA LEU A 318 -6.76 -27.72 -6.07
C LEU A 318 -6.39 -28.13 -4.66
N LYS A 319 -6.83 -29.31 -4.22
CA LYS A 319 -6.41 -29.84 -2.94
C LYS A 319 -4.91 -30.09 -2.87
N ASP A 320 -4.24 -30.14 -4.02
CA ASP A 320 -2.80 -30.34 -4.09
C ASP A 320 -2.06 -29.11 -4.61
N TYR A 321 -2.76 -28.02 -4.89
CA TYR A 321 -2.11 -26.77 -5.25
C TYR A 321 -1.15 -26.35 -4.14
N PRO A 322 0.01 -25.77 -4.47
CA PRO A 322 0.53 -25.43 -5.80
C PRO A 322 1.40 -26.49 -6.46
N TYR A 323 1.14 -27.77 -6.16
CA TYR A 323 1.77 -28.89 -6.85
C TYR A 323 3.29 -28.89 -6.72
N GLY A 324 3.80 -28.42 -5.58
CA GLY A 324 5.24 -28.40 -5.38
C GLY A 324 6.00 -27.47 -6.30
N ILE A 325 5.33 -26.46 -6.84
CA ILE A 325 5.97 -25.48 -7.70
C ILE A 325 6.49 -24.34 -6.83
N LYS A 326 7.82 -24.13 -6.86
CA LYS A 326 8.42 -23.10 -6.02
C LYS A 326 8.02 -21.70 -6.47
N ILE A 327 7.79 -21.49 -7.77
CA ILE A 327 7.56 -20.16 -8.29
C ILE A 327 6.24 -19.59 -7.80
N ILE A 328 5.13 -20.24 -8.16
CA ILE A 328 3.82 -19.67 -7.90
C ILE A 328 3.53 -19.64 -6.41
N ALA A 329 2.61 -18.75 -6.02
CA ALA A 329 2.29 -18.56 -4.62
C ALA A 329 1.47 -19.74 -4.10
N ASP A 330 1.68 -20.05 -2.82
CA ASP A 330 0.93 -21.11 -2.16
C ASP A 330 -0.41 -20.58 -1.68
N LYS A 331 -1.21 -21.47 -1.10
CA LYS A 331 -2.57 -21.11 -0.70
C LYS A 331 -2.55 -20.04 0.38
N ILE A 332 -3.40 -19.03 0.21
CA ILE A 332 -3.47 -17.92 1.15
C ILE A 332 -4.23 -18.34 2.40
N ASP A 333 -3.63 -18.10 3.56
CA ASP A 333 -4.30 -18.34 4.84
C ASP A 333 -5.00 -17.05 5.24
N ILE A 334 -6.32 -17.00 5.02
CA ILE A 334 -7.08 -15.78 5.27
C ILE A 334 -7.00 -15.38 6.75
N TYR A 335 -6.98 -16.37 7.64
CA TYR A 335 -7.03 -16.12 9.08
C TYR A 335 -5.66 -16.33 9.75
N SER A 336 -4.58 -16.10 9.00
CA SER A 336 -3.26 -16.10 9.61
C SER A 336 -3.06 -14.82 10.42
N GLU A 337 -2.07 -14.86 11.31
CA GLU A 337 -1.73 -13.68 12.09
C GLU A 337 -1.39 -12.50 11.19
N GLU A 338 -0.73 -12.77 10.07
CA GLU A 338 -0.33 -11.69 9.17
C GLU A 338 -1.53 -11.07 8.47
N ASN A 339 -2.48 -11.90 8.04
CA ASN A 339 -3.63 -11.38 7.29
C ASN A 339 -4.69 -10.80 8.20
N VAL A 340 -4.81 -11.29 9.44
CA VAL A 340 -5.69 -10.64 10.40
C VAL A 340 -5.19 -9.24 10.72
N ALA A 341 -3.87 -9.07 10.83
CA ALA A 341 -3.31 -7.73 11.04
C ALA A 341 -3.54 -6.86 9.81
N LYS A 342 -3.37 -7.42 8.61
CA LYS A 342 -3.67 -6.67 7.40
C LYS A 342 -5.13 -6.23 7.36
N ARG A 343 -6.04 -7.12 7.75
CA ARG A 343 -7.45 -6.76 7.80
C ARG A 343 -7.69 -5.64 8.82
N SER A 344 -6.96 -5.65 9.93
CA SER A 344 -7.10 -4.58 10.91
C SER A 344 -6.62 -3.26 10.36
N TYR A 345 -5.57 -3.27 9.52
CA TYR A 345 -5.12 -2.04 8.88
C TYR A 345 -6.19 -1.49 7.94
N TRP A 346 -6.88 -2.38 7.22
CA TRP A 346 -8.01 -1.95 6.40
C TRP A 346 -9.09 -1.32 7.27
N LEU A 347 -9.39 -1.93 8.42
CA LEU A 347 -10.44 -1.41 9.29
C LEU A 347 -10.08 -0.04 9.84
N GLU A 348 -8.78 0.27 9.98
CA GLU A 348 -8.38 1.61 10.39
C GLU A 348 -8.76 2.64 9.33
N VAL A 349 -8.69 2.26 8.05
CA VAL A 349 -9.10 3.17 6.99
C VAL A 349 -10.61 3.37 7.02
N CYS A 350 -11.37 2.27 7.06
CA CYS A 350 -12.82 2.37 7.01
C CYS A 350 -13.39 3.03 8.26
N ALA A 351 -12.74 2.87 9.41
CA ALA A 351 -13.26 3.44 10.65
C ALA A 351 -13.24 4.96 10.65
N LYS A 352 -12.49 5.58 9.72
CA LYS A 352 -12.46 7.04 9.66
C LYS A 352 -13.79 7.61 9.16
N CYS A 353 -14.61 6.81 8.48
CA CYS A 353 -15.91 7.27 8.02
C CYS A 353 -17.03 6.27 8.29
N HIS A 354 -16.72 5.12 8.86
CA HIS A 354 -17.72 4.13 9.20
C HIS A 354 -17.45 3.59 10.60
N SER A 355 -18.46 2.96 11.18
CA SER A 355 -18.26 2.22 12.42
C SER A 355 -17.43 0.97 12.12
N ASP A 356 -16.65 0.55 13.12
CA ASP A 356 -15.88 -0.68 12.99
C ASP A 356 -16.80 -1.85 12.64
N ARG A 357 -17.97 -1.90 13.28
CA ARG A 357 -18.90 -3.00 13.04
C ARG A 357 -19.35 -3.05 11.59
N PHE A 358 -19.78 -1.91 11.04
CA PHE A 358 -20.24 -1.88 9.65
C PHE A 358 -19.11 -2.23 8.69
N ALA A 359 -17.90 -1.74 8.98
CA ALA A 359 -16.76 -2.04 8.12
C ALA A 359 -16.34 -3.49 8.23
N ASP A 360 -16.22 -4.00 9.46
CA ASP A 360 -15.84 -5.39 9.65
C ASP A 360 -16.90 -6.34 9.12
N THR A 361 -18.17 -6.00 9.31
CA THR A 361 -19.25 -6.81 8.75
C THR A 361 -19.15 -6.87 7.22
N TYR A 362 -18.82 -5.75 6.58
CA TYR A 362 -18.74 -5.74 5.13
C TYR A 362 -17.55 -6.55 4.63
N LEU A 363 -16.36 -6.31 5.20
CA LEU A 363 -15.18 -7.04 4.75
C LEU A 363 -15.29 -8.53 5.07
N LYS A 364 -15.99 -8.88 6.14
CA LYS A 364 -16.28 -10.29 6.41
C LYS A 364 -17.20 -10.86 5.33
N SER A 365 -18.07 -10.04 4.76
CA SER A 365 -18.90 -10.50 3.64
C SER A 365 -18.07 -10.66 2.37
N LEU A 366 -17.04 -9.82 2.20
CA LEU A 366 -16.10 -10.03 1.10
C LEU A 366 -15.41 -11.38 1.22
N ASP A 367 -15.00 -11.75 2.45
CA ASP A 367 -14.39 -13.05 2.65
C ASP A 367 -15.37 -14.18 2.34
N GLN A 368 -16.63 -14.03 2.76
CA GLN A 368 -17.62 -15.07 2.52
C GLN A 368 -17.91 -15.22 1.02
N PHE A 369 -17.97 -14.10 0.30
CA PHE A 369 -18.16 -14.17 -1.15
C PHE A 369 -17.01 -14.91 -1.81
N MET A 370 -15.78 -14.66 -1.35
CA MET A 370 -14.62 -15.30 -1.96
C MET A 370 -14.56 -16.79 -1.62
N PHE A 371 -14.97 -17.15 -0.40
CA PHE A 371 -14.99 -18.57 -0.03
C PHE A 371 -15.97 -19.35 -0.91
N GLN A 372 -17.17 -18.80 -1.10
CA GLN A 372 -18.16 -19.50 -1.92
C GLN A 372 -17.81 -19.42 -3.40
N ALA A 373 -17.14 -18.35 -3.83
CA ALA A 373 -16.74 -18.23 -5.23
C ALA A 373 -15.61 -19.21 -5.56
N HIS A 374 -14.61 -19.31 -4.69
CA HIS A 374 -13.58 -20.32 -4.88
C HIS A 374 -14.13 -21.73 -4.79
N THR A 375 -15.13 -21.95 -3.94
CA THR A 375 -15.81 -23.23 -3.89
C THR A 375 -16.51 -23.52 -5.22
N LEU A 376 -17.19 -22.52 -5.77
CA LEU A 376 -17.88 -22.70 -7.05
C LEU A 376 -16.88 -23.01 -8.16
N ALA A 377 -15.71 -22.36 -8.15
CA ALA A 377 -14.71 -22.63 -9.16
C ALA A 377 -14.12 -24.03 -8.99
N ASP A 378 -13.93 -24.47 -7.75
CA ASP A 378 -13.40 -25.81 -7.51
C ASP A 378 -14.37 -26.88 -8.01
N GLN A 379 -15.68 -26.67 -7.82
CA GLN A 379 -16.66 -27.64 -8.31
C GLN A 379 -16.64 -27.72 -9.83
N ALA A 380 -16.44 -26.59 -10.50
CA ALA A 380 -16.35 -26.61 -11.96
C ALA A 380 -15.07 -27.29 -12.42
N GLN A 381 -13.96 -27.09 -11.70
CA GLN A 381 -12.71 -27.74 -12.06
C GLN A 381 -12.79 -29.25 -11.87
N LYS A 382 -13.57 -29.71 -10.89
CA LYS A 382 -13.76 -31.15 -10.70
C LYS A 382 -14.44 -31.78 -11.91
N ILE A 383 -15.43 -31.08 -12.49
CA ILE A 383 -16.13 -31.61 -13.66
C ILE A 383 -15.18 -31.73 -14.84
N VAL A 384 -14.35 -30.71 -15.07
CA VAL A 384 -13.44 -30.73 -16.20
C VAL A 384 -12.40 -31.82 -16.02
N GLU A 385 -11.87 -31.98 -14.81
CA GLU A 385 -10.81 -32.96 -14.58
C GLU A 385 -11.33 -34.39 -14.63
N ASP A 386 -12.59 -34.62 -14.23
CA ASP A 386 -13.17 -35.95 -14.34
C ASP A 386 -13.30 -36.38 -15.79
N LEU A 387 -13.67 -35.44 -16.68
CA LEU A 387 -13.68 -35.74 -18.11
C LEU A 387 -12.29 -36.13 -18.59
N ILE A 388 -11.26 -35.44 -18.10
CA ILE A 388 -9.88 -35.76 -18.48
C ILE A 388 -9.51 -37.16 -17.99
N ALA A 389 -9.80 -37.43 -16.71
CA ALA A 389 -9.48 -38.74 -16.14
C ALA A 389 -10.22 -39.86 -16.86
N ASP A 390 -11.48 -39.61 -17.23
CA ASP A 390 -12.27 -40.57 -17.99
C ASP A 390 -11.90 -40.58 -19.48
N GLY A 391 -10.89 -39.82 -19.89
CA GLY A 391 -10.45 -39.84 -21.28
C GLY A 391 -11.51 -39.39 -22.26
N LEU A 392 -12.34 -38.44 -21.85
CA LEU A 392 -13.41 -37.92 -22.70
C LEU A 392 -13.05 -36.59 -23.34
N LEU A 393 -11.90 -36.02 -23.00
CA LEU A 393 -11.45 -34.80 -23.67
C LEU A 393 -11.17 -35.08 -25.14
N TYR A 394 -11.79 -34.29 -26.02
CA TYR A 394 -11.66 -34.50 -27.46
C TYR A 394 -11.26 -33.19 -28.13
N PRO A 395 -10.12 -33.15 -28.83
CA PRO A 395 -9.15 -34.25 -28.94
C PRO A 395 -8.35 -34.42 -27.66
N ASP A 396 -7.76 -35.61 -27.46
CA ASP A 396 -7.02 -35.86 -26.24
C ASP A 396 -5.65 -35.18 -26.31
N ALA A 397 -4.93 -35.25 -25.19
CA ALA A 397 -3.62 -34.61 -25.09
C ALA A 397 -2.63 -35.15 -26.12
N ALA A 398 -2.85 -36.36 -26.62
CA ALA A 398 -1.95 -36.94 -27.60
C ALA A 398 -2.14 -36.33 -29.00
N ASN A 399 -3.37 -35.93 -29.33
CA ASN A 399 -3.68 -35.41 -30.66
C ASN A 399 -3.96 -33.90 -30.63
N ARG A 400 -3.19 -33.17 -29.83
CA ARG A 400 -3.28 -31.72 -29.79
C ARG A 400 -1.92 -31.16 -29.38
N ASP A 401 -1.75 -29.86 -29.59
CA ASP A 401 -0.49 -29.22 -29.26
C ASP A 401 -0.18 -29.36 -27.77
N PRO A 402 1.10 -29.42 -27.41
CA PRO A 402 1.45 -29.51 -25.99
C PRO A 402 1.24 -28.20 -25.25
N TYR A 403 1.57 -28.18 -23.96
CA TYR A 403 1.54 -26.94 -23.19
C TYR A 403 2.43 -25.90 -23.87
N PRO A 404 2.05 -24.63 -23.84
CA PRO A 404 2.81 -23.61 -24.59
C PRO A 404 4.28 -23.58 -24.18
N LEU A 405 5.16 -23.68 -25.18
CA LEU A 405 6.61 -23.59 -25.00
C LEU A 405 7.13 -24.71 -24.10
N SER A 406 6.65 -25.94 -24.33
CA SER A 406 7.08 -27.06 -23.52
C SER A 406 8.56 -27.38 -23.73
N ASP A 407 9.07 -27.16 -24.95
CA ASP A 407 10.49 -27.40 -25.22
C ASP A 407 11.36 -26.40 -24.48
N GLY A 408 10.92 -25.14 -24.41
CA GLY A 408 11.68 -24.13 -23.68
C GLY A 408 11.61 -24.30 -22.18
N ILE A 409 10.48 -24.82 -21.67
CA ILE A 409 10.35 -25.09 -20.24
C ILE A 409 11.35 -26.15 -19.81
N VAL A 410 11.43 -27.25 -20.56
CA VAL A 410 12.37 -28.31 -20.24
C VAL A 410 13.81 -27.81 -20.34
N LYS A 411 14.10 -27.00 -21.35
CA LYS A 411 15.47 -26.59 -21.59
C LYS A 411 15.94 -25.50 -20.63
N GLU A 412 15.04 -24.57 -20.26
CA GLU A 412 15.44 -23.41 -19.48
C GLU A 412 15.13 -23.53 -18.00
N LEU A 413 14.17 -24.36 -17.61
CA LEU A 413 13.76 -24.49 -16.23
C LEU A 413 14.23 -25.83 -15.68
N SER A 414 13.98 -26.04 -14.38
CA SER A 414 14.43 -27.25 -13.69
C SER A 414 13.51 -27.50 -12.50
N ALA A 415 13.87 -28.49 -11.68
CA ALA A 415 13.15 -28.73 -10.43
C ALA A 415 13.35 -27.59 -9.44
N ASP A 416 14.41 -26.80 -9.60
CA ASP A 416 14.59 -25.62 -8.76
C ASP A 416 13.46 -24.62 -8.94
N PHE A 417 12.86 -24.60 -10.13
CA PHE A 417 11.75 -23.70 -10.41
C PHE A 417 10.39 -24.36 -10.17
N LEU A 418 10.20 -25.57 -10.70
CA LEU A 418 8.89 -26.20 -10.74
C LEU A 418 8.77 -27.41 -9.82
N GLY A 419 9.85 -27.82 -9.16
CA GLY A 419 9.84 -29.03 -8.38
C GLY A 419 10.04 -30.27 -9.25
N GLU A 420 10.49 -31.34 -8.60
CA GLU A 420 10.75 -32.57 -9.32
C GLU A 420 9.53 -33.15 -10.01
N PRO A 421 8.36 -33.33 -9.36
CA PRO A 421 7.25 -33.98 -10.07
C PRO A 421 6.74 -33.20 -11.26
N VAL A 422 6.72 -31.87 -11.18
CA VAL A 422 6.21 -31.07 -12.30
C VAL A 422 7.22 -31.00 -13.43
N TYR A 423 8.51 -30.88 -13.11
CA TYR A 423 9.51 -30.84 -14.17
C TYR A 423 9.73 -32.21 -14.79
N ASN A 424 9.65 -33.26 -13.98
CA ASN A 424 9.82 -34.61 -14.51
C ASN A 424 8.76 -34.92 -15.56
N ALA A 425 7.52 -34.49 -15.32
CA ALA A 425 6.46 -34.73 -16.30
C ALA A 425 6.72 -33.98 -17.60
N PHE A 426 7.25 -32.75 -17.49
CA PHE A 426 7.56 -31.99 -18.70
C PHE A 426 8.71 -32.61 -19.47
N LYS A 427 9.74 -33.09 -18.78
CA LYS A 427 10.87 -33.70 -19.46
C LYS A 427 10.50 -35.05 -20.06
N THR A 428 9.64 -35.81 -19.38
CA THR A 428 9.27 -37.14 -19.84
C THR A 428 8.22 -37.08 -20.94
N LEU A 429 7.12 -36.36 -20.71
CA LEU A 429 6.01 -36.31 -21.64
C LEU A 429 6.10 -35.17 -22.65
N GLN A 430 7.10 -34.29 -22.52
CA GLN A 430 7.27 -33.15 -23.42
C GLN A 430 6.01 -32.30 -23.49
N GLY A 431 5.36 -32.13 -22.34
CA GLY A 431 4.24 -31.22 -22.22
C GLY A 431 2.95 -31.66 -22.86
N LYS A 432 2.83 -32.95 -23.20
CA LYS A 432 1.63 -33.47 -23.83
C LYS A 432 0.60 -33.93 -22.79
N PHE A 433 0.24 -32.99 -21.92
CA PHE A 433 -0.74 -33.23 -20.87
C PHE A 433 -1.49 -31.93 -20.59
N PRO A 434 -2.72 -32.02 -20.09
CA PRO A 434 -3.47 -30.79 -19.76
C PRO A 434 -3.01 -30.17 -18.45
N VAL A 435 -3.11 -28.85 -18.39
CA VAL A 435 -2.84 -28.07 -17.19
C VAL A 435 -4.06 -27.20 -16.95
N VAL A 436 -4.77 -27.45 -15.85
CA VAL A 436 -6.09 -26.89 -15.61
C VAL A 436 -6.12 -26.13 -14.30
N GLY A 437 -6.71 -24.94 -14.31
CA GLY A 437 -6.96 -24.19 -13.08
C GLY A 437 -5.98 -23.09 -12.70
N PRO A 438 -6.11 -22.51 -11.49
CA PRO A 438 -5.33 -21.40 -11.05
C PRO A 438 -3.81 -21.39 -11.25
N ILE A 439 -3.45 -20.24 -11.77
CA ILE A 439 -2.17 -19.66 -12.24
C ILE A 439 -1.69 -20.30 -13.53
N LEU A 440 -1.24 -21.55 -13.51
CA LEU A 440 -0.60 -21.98 -14.75
C LEU A 440 -1.55 -22.58 -15.77
N GLY A 441 -2.82 -22.79 -15.44
CA GLY A 441 -3.76 -23.27 -16.43
C GLY A 441 -4.42 -22.20 -17.27
N VAL A 442 -4.06 -20.94 -17.06
CA VAL A 442 -4.76 -19.82 -17.70
C VAL A 442 -4.26 -19.52 -19.09
N TYR A 443 -3.32 -20.31 -19.62
CA TYR A 443 -2.70 -19.98 -20.90
C TYR A 443 -3.74 -19.87 -22.01
N GLY A 444 -4.79 -20.70 -21.97
CA GLY A 444 -5.83 -20.65 -22.98
C GLY A 444 -6.59 -19.34 -23.01
N MET A 445 -6.57 -18.59 -21.91
CA MET A 445 -7.14 -17.25 -21.90
C MET A 445 -6.42 -16.33 -22.88
N PHE A 446 -5.15 -16.60 -23.15
CA PHE A 446 -4.26 -15.69 -23.88
C PHE A 446 -3.98 -16.16 -25.30
N LEU A 447 -3.83 -17.46 -25.50
CA LEU A 447 -3.38 -18.00 -26.78
C LEU A 447 -4.13 -19.28 -27.09
N GLN A 448 -4.47 -19.46 -28.37
CA GLN A 448 -5.12 -20.68 -28.85
C GLN A 448 -4.17 -21.42 -29.76
N MET A 449 -3.80 -22.62 -29.36
CA MET A 449 -2.95 -23.50 -30.16
C MET A 449 -3.81 -24.54 -30.85
N GLN A 450 -3.17 -25.55 -31.45
CA GLN A 450 -3.89 -26.54 -32.25
C GLN A 450 -4.73 -27.40 -31.32
N ASP A 451 -6.02 -27.09 -31.23
CA ASP A 451 -6.98 -27.80 -30.38
C ASP A 451 -6.54 -27.81 -28.91
N ASN A 452 -5.89 -26.74 -28.48
CA ASN A 452 -5.43 -26.61 -27.09
C ASN A 452 -5.46 -25.13 -26.71
N PRO A 453 -6.32 -24.73 -25.77
CA PRO A 453 -7.23 -25.57 -24.99
C PRO A 453 -8.48 -26.02 -25.74
N SER A 454 -9.30 -26.83 -25.07
CA SER A 454 -10.59 -27.23 -25.60
C SER A 454 -11.65 -26.19 -25.23
N ASP A 455 -12.89 -26.46 -25.62
CA ASP A 455 -13.97 -25.51 -25.34
C ASP A 455 -14.23 -25.41 -23.84
N ILE A 456 -14.28 -26.54 -23.15
CA ILE A 456 -14.70 -26.54 -21.75
C ILE A 456 -13.59 -26.01 -20.85
N GLU A 457 -12.33 -26.12 -21.26
CA GLU A 457 -11.23 -25.60 -20.46
C GLU A 457 -11.26 -24.07 -20.40
N ASN A 458 -11.62 -23.41 -21.50
CA ASN A 458 -11.74 -21.97 -21.50
C ASN A 458 -13.04 -21.49 -20.89
N MET A 459 -14.09 -22.32 -20.87
CA MET A 459 -15.27 -21.99 -20.09
C MET A 459 -14.89 -21.86 -18.61
N TYR A 460 -14.19 -22.86 -18.08
CA TYR A 460 -13.74 -22.79 -16.70
C TYR A 460 -12.76 -21.63 -16.50
N ASN A 461 -11.87 -21.40 -17.47
CA ASN A 461 -10.93 -20.29 -17.38
C ASN A 461 -11.67 -18.97 -17.23
N ARG A 462 -12.73 -18.76 -18.01
CA ARG A 462 -13.53 -17.55 -17.85
C ARG A 462 -14.25 -17.51 -16.51
N LEU A 463 -14.54 -18.68 -15.93
CA LEU A 463 -15.20 -18.72 -14.63
C LEU A 463 -14.29 -18.18 -13.53
N TRP A 464 -13.05 -18.68 -13.46
CA TRP A 464 -12.17 -18.34 -12.35
C TRP A 464 -11.25 -17.16 -12.62
N PHE A 465 -11.03 -16.80 -13.89
CA PHE A 465 -10.14 -15.70 -14.22
C PHE A 465 -10.86 -14.44 -14.68
N TRP A 466 -12.14 -14.53 -15.05
CA TRP A 466 -12.92 -13.36 -15.44
C TRP A 466 -14.03 -13.06 -14.45
N TYR A 467 -14.95 -14.02 -14.26
CA TYR A 467 -16.18 -13.71 -13.55
C TYR A 467 -16.01 -13.81 -12.03
N LYS A 468 -15.18 -14.73 -11.57
CA LYS A 468 -14.82 -14.73 -10.15
C LYS A 468 -14.09 -13.44 -9.77
N LEU A 469 -13.20 -12.98 -10.65
CA LEU A 469 -12.43 -11.78 -10.34
C LEU A 469 -13.27 -10.51 -10.41
N GLN A 470 -14.24 -10.46 -11.32
CA GLN A 470 -15.09 -9.28 -11.42
C GLN A 470 -16.03 -9.18 -10.22
N GLY A 471 -16.65 -10.29 -9.84
CA GLY A 471 -17.43 -10.30 -8.61
C GLY A 471 -16.59 -10.02 -7.38
N TYR A 472 -15.34 -10.47 -7.39
CA TYR A 472 -14.43 -10.18 -6.29
C TYR A 472 -14.19 -8.68 -6.17
N LYS A 473 -13.79 -8.03 -7.28
CA LYS A 473 -13.52 -6.60 -7.23
C LYS A 473 -14.78 -5.79 -6.98
N GLY A 474 -15.92 -6.25 -7.50
CA GLY A 474 -17.18 -5.56 -7.22
C GLY A 474 -17.56 -5.66 -5.75
N THR A 475 -17.34 -6.83 -5.14
CA THR A 475 -17.63 -6.98 -3.72
C THR A 475 -16.66 -6.18 -2.86
N ALA A 476 -15.38 -6.18 -3.22
CA ALA A 476 -14.38 -5.49 -2.41
C ALA A 476 -14.49 -3.98 -2.53
N HIS A 477 -14.93 -3.48 -3.69
CA HIS A 477 -15.03 -2.04 -3.92
C HIS A 477 -16.45 -1.51 -3.77
N ALA A 478 -17.36 -2.32 -3.22
CA ALA A 478 -18.72 -1.88 -2.87
C ALA A 478 -19.51 -1.44 -4.11
N GLN A 479 -19.48 -2.27 -5.15
CA GLN A 479 -20.28 -2.07 -6.34
C GLN A 479 -21.15 -3.32 -6.51
N GLN A 480 -22.44 -3.19 -6.19
CA GLN A 480 -23.32 -4.36 -6.13
C GLN A 480 -23.57 -4.96 -7.51
N ASP A 481 -23.61 -4.14 -8.56
CA ASP A 481 -23.88 -4.68 -9.89
C ASP A 481 -22.68 -5.48 -10.40
N VAL A 482 -21.48 -4.96 -10.22
CA VAL A 482 -20.27 -5.71 -10.63
C VAL A 482 -20.15 -6.99 -9.81
N SER A 483 -20.55 -6.94 -8.54
CA SER A 483 -20.44 -8.12 -7.67
C SER A 483 -21.32 -9.26 -8.18
N TRP A 484 -22.58 -8.97 -8.48
CA TRP A 484 -23.51 -10.03 -8.88
C TRP A 484 -23.54 -10.24 -10.39
N TRP A 485 -23.82 -9.18 -11.17
CA TRP A 485 -24.11 -9.35 -12.58
C TRP A 485 -22.86 -9.46 -13.45
N TRP A 486 -21.72 -8.93 -13.00
CA TRP A 486 -20.45 -9.22 -13.66
C TRP A 486 -19.74 -10.39 -13.02
N GLY A 487 -20.19 -10.83 -11.85
CA GLY A 487 -19.52 -11.84 -11.04
C GLY A 487 -20.25 -13.14 -10.91
N GLN A 488 -21.01 -13.27 -9.81
CA GLN A 488 -21.66 -14.53 -9.46
C GLN A 488 -22.53 -15.05 -10.60
N ALA A 489 -23.42 -14.21 -11.13
CA ALA A 489 -24.36 -14.69 -12.15
C ALA A 489 -23.65 -15.22 -13.40
N PRO A 490 -22.64 -14.55 -13.97
CA PRO A 490 -21.89 -15.18 -15.07
C PRO A 490 -21.14 -16.43 -14.64
N MET A 491 -20.64 -16.48 -13.41
CA MET A 491 -20.01 -17.70 -12.91
C MET A 491 -20.96 -18.87 -12.95
N MET A 492 -22.21 -18.65 -12.52
CA MET A 492 -23.23 -19.70 -12.61
C MET A 492 -23.51 -20.08 -14.06
N MET A 493 -23.39 -19.12 -14.99
CA MET A 493 -23.71 -19.39 -16.38
C MET A 493 -22.63 -20.24 -17.04
N GLU A 494 -21.36 -20.03 -16.69
CA GLU A 494 -20.32 -20.91 -17.20
C GLU A 494 -20.47 -22.32 -16.63
N MET A 495 -20.91 -22.43 -15.38
CA MET A 495 -21.21 -23.74 -14.81
C MET A 495 -22.30 -24.45 -15.61
N THR A 496 -23.27 -23.69 -16.11
CA THR A 496 -24.29 -24.26 -17.00
C THR A 496 -23.66 -24.81 -18.27
N ARG A 497 -22.78 -24.03 -18.90
CA ARG A 497 -22.13 -24.47 -20.13
C ARG A 497 -21.19 -25.64 -19.88
N ILE A 498 -20.53 -25.64 -18.72
CA ILE A 498 -19.58 -26.73 -18.42
C ILE A 498 -20.32 -28.04 -18.20
N GLN A 499 -21.46 -28.00 -17.51
CA GLN A 499 -22.22 -29.23 -17.29
C GLN A 499 -22.80 -29.76 -18.59
N ALA A 500 -23.33 -28.88 -19.44
CA ALA A 500 -23.89 -29.31 -20.71
C ALA A 500 -22.81 -29.90 -21.60
N GLU A 501 -21.61 -29.33 -21.59
CA GLU A 501 -20.53 -29.86 -22.39
C GLU A 501 -20.03 -31.18 -21.84
N ALA A 502 -19.92 -31.31 -20.52
CA ALA A 502 -19.55 -32.58 -19.91
C ALA A 502 -20.57 -33.66 -20.25
N ALA A 503 -21.85 -33.34 -20.13
CA ALA A 503 -22.89 -34.30 -20.52
C ALA A 503 -22.87 -34.56 -22.02
N ARG A 504 -22.47 -33.57 -22.82
CA ARG A 504 -22.38 -33.76 -24.26
C ARG A 504 -21.24 -34.71 -24.62
N LEU A 505 -20.10 -34.58 -23.96
CA LEU A 505 -18.96 -35.44 -24.24
C LEU A 505 -19.20 -36.86 -23.75
N ARG A 506 -19.92 -37.03 -22.64
CA ARG A 506 -20.25 -38.37 -22.17
C ARG A 506 -21.30 -39.01 -23.07
N ARG A 507 -22.23 -38.20 -23.59
CA ARG A 507 -23.26 -38.71 -24.49
C ARG A 507 -22.64 -39.19 -25.80
N LEU A 508 -21.72 -38.42 -26.36
CA LEU A 508 -21.06 -38.82 -27.61
C LEU A 508 -20.25 -40.09 -27.41
N ALA A 509 -19.54 -40.20 -26.27
CA ALA A 509 -18.76 -41.39 -26.01
C ALA A 509 -19.64 -42.61 -25.79
N GLY A 510 -20.79 -42.44 -25.14
CA GLY A 510 -21.74 -43.52 -24.98
C GLY A 510 -22.30 -44.04 -26.28
N ILE A 511 -22.17 -43.27 -27.35
CA ILE A 511 -22.57 -43.72 -28.69
C ILE A 511 -21.39 -44.35 -29.42
N GLU A 512 -20.20 -43.78 -29.27
CA GLU A 512 -19.01 -44.36 -29.91
C GLU A 512 -18.66 -45.73 -29.35
N LYS A 513 -19.22 -46.11 -28.20
CA LYS A 513 -18.99 -47.43 -27.66
C LYS A 513 -20.01 -48.45 -28.18
N THR A 514 -21.29 -48.07 -28.24
CA THR A 514 -22.34 -48.95 -28.77
C THR A 514 -22.38 -48.94 -30.29
N ILE A 515 -21.33 -48.44 -30.94
CA ILE A 515 -21.14 -48.54 -32.38
C ILE A 515 -20.03 -49.52 -32.74
N SER A 516 -19.39 -50.12 -31.74
CA SER A 516 -18.33 -51.10 -31.95
C SER A 516 -18.95 -52.49 -32.13
N ILE B 1 -12.98 14.37 45.28
CA ILE B 1 -12.97 13.90 46.67
C ILE B 1 -11.76 13.00 46.92
N GLU B 2 -11.92 12.06 47.85
CA GLU B 2 -10.83 11.17 48.23
C GLU B 2 -10.78 9.97 47.28
N ILE B 3 -9.60 9.73 46.73
CA ILE B 3 -9.36 8.63 45.80
C ILE B 3 -8.84 7.45 46.62
N PRO B 4 -9.49 6.29 46.59
CA PRO B 4 -9.04 5.18 47.42
C PRO B 4 -7.78 4.52 46.87
N LYS B 5 -7.03 3.90 47.77
CA LYS B 5 -5.93 3.03 47.38
C LYS B 5 -6.41 1.61 47.12
N GLU B 6 -7.46 1.19 47.83
CA GLU B 6 -8.00 -0.16 47.70
C GLU B 6 -8.82 -0.30 46.42
N VAL B 7 -8.83 -1.51 45.88
CA VAL B 7 -9.64 -1.83 44.71
C VAL B 7 -10.98 -2.37 45.18
N THR B 8 -12.06 -1.87 44.57
CA THR B 8 -13.41 -2.21 44.98
C THR B 8 -14.13 -2.94 43.85
N GLU B 9 -15.23 -3.59 44.21
CA GLU B 9 -16.07 -4.24 43.20
C GLU B 9 -16.74 -3.21 42.30
N GLU B 10 -17.15 -2.07 42.86
CA GLU B 10 -17.69 -0.99 42.04
C GLU B 10 -16.65 -0.52 41.02
N GLY B 11 -15.40 -0.37 41.46
CA GLY B 11 -14.35 0.04 40.54
C GLY B 11 -14.14 -0.94 39.41
N LYS B 12 -14.21 -2.25 39.71
CA LYS B 12 -14.13 -3.26 38.66
C LYS B 12 -15.27 -3.09 37.66
N ASN B 13 -16.49 -2.90 38.15
CA ASN B 13 -17.65 -2.84 37.26
C ASN B 13 -17.62 -1.60 36.38
N VAL B 14 -17.26 -0.44 36.96
CA VAL B 14 -17.20 0.79 36.17
C VAL B 14 -16.18 0.65 35.04
N TYR B 15 -14.99 0.14 35.36
CA TYR B 15 -14.00 -0.11 34.31
C TYR B 15 -14.54 -1.09 33.28
N LYS B 16 -15.19 -2.16 33.74
CA LYS B 16 -15.73 -3.17 32.84
C LYS B 16 -16.73 -2.57 31.86
N LYS B 17 -17.62 -1.71 32.37
CA LYS B 17 -18.73 -1.20 31.56
C LYS B 17 -18.33 -0.01 30.71
N TYR B 18 -17.37 0.80 31.15
CA TYR B 18 -17.07 2.06 30.49
C TYR B 18 -15.65 2.20 29.98
N CYS B 19 -14.73 1.33 30.37
CA CYS B 19 -13.33 1.46 29.96
C CYS B 19 -12.80 0.26 29.20
N ALA B 20 -13.25 -0.95 29.56
CA ALA B 20 -12.74 -2.15 28.91
C ALA B 20 -12.94 -2.19 27.40
N PRO B 21 -14.05 -1.71 26.81
CA PRO B 21 -14.20 -1.78 25.36
C PRO B 21 -13.03 -1.20 24.56
N CYS B 22 -12.36 -0.16 25.08
CA CYS B 22 -11.21 0.42 24.41
C CYS B 22 -9.89 -0.03 25.02
N HIS B 23 -9.72 0.16 26.32
CA HIS B 23 -8.44 -0.10 26.97
C HIS B 23 -8.19 -1.58 27.24
N GLY B 24 -9.16 -2.45 26.99
CA GLY B 24 -8.95 -3.86 27.15
C GLY B 24 -9.43 -4.38 28.49
N GLU B 25 -9.71 -5.69 28.54
CA GLU B 25 -10.25 -6.30 29.75
C GLU B 25 -9.23 -6.28 30.89
N GLU B 26 -7.94 -6.24 30.57
CA GLU B 26 -6.86 -6.22 31.56
C GLU B 26 -5.99 -4.98 31.42
N GLY B 27 -6.54 -3.93 30.81
CA GLY B 27 -5.81 -2.67 30.69
C GLY B 27 -4.65 -2.69 29.73
N GLY B 28 -4.59 -3.66 28.82
CA GLY B 28 -3.52 -3.71 27.86
C GLY B 28 -3.69 -2.84 26.65
N GLY B 29 -4.67 -1.93 26.65
CA GLY B 29 -4.95 -1.15 25.47
C GLY B 29 -5.34 -1.98 24.27
N ASP B 30 -5.92 -3.16 24.49
CA ASP B 30 -6.19 -4.12 23.44
C ASP B 30 -7.65 -4.56 23.46
N GLY B 31 -8.57 -3.64 23.75
CA GLY B 31 -9.96 -3.89 23.45
C GLY B 31 -10.18 -4.13 21.96
N LEU B 32 -11.31 -4.76 21.64
CA LEU B 32 -11.56 -5.09 20.24
C LEU B 32 -11.54 -3.84 19.35
N LEU B 33 -12.16 -2.75 19.82
CA LEU B 33 -12.23 -1.53 19.03
C LEU B 33 -10.89 -0.82 18.91
N SER B 34 -9.86 -1.28 19.63
CA SER B 34 -8.53 -0.67 19.51
C SER B 34 -7.86 -1.01 18.19
N ARG B 35 -8.31 -2.07 17.51
CA ARG B 35 -7.69 -2.46 16.25
C ARG B 35 -7.88 -1.40 15.17
N SER B 36 -8.99 -0.66 15.20
CA SER B 36 -9.33 0.32 14.19
C SER B 36 -9.28 1.74 14.71
N MET B 37 -8.75 1.94 15.92
CA MET B 37 -8.79 3.24 16.58
C MET B 37 -7.44 3.93 16.47
N LEU B 38 -7.47 5.23 16.19
CA LEU B 38 -6.26 6.05 16.09
C LEU B 38 -6.56 7.45 16.62
N PRO B 39 -5.86 7.90 17.68
CA PRO B 39 -4.78 7.24 18.43
C PRO B 39 -5.21 5.98 19.18
N LYS B 40 -4.26 5.07 19.40
CA LYS B 40 -4.56 3.84 20.11
C LYS B 40 -4.89 4.14 21.57
N PRO B 41 -5.81 3.37 22.17
CA PRO B 41 -6.10 3.59 23.60
C PRO B 41 -4.92 3.17 24.46
N ARG B 42 -4.73 3.90 25.56
CA ARG B 42 -3.54 3.74 26.39
C ARG B 42 -3.39 2.32 26.91
N ASN B 43 -2.17 1.80 26.82
CA ASN B 43 -1.82 0.52 27.43
C ASN B 43 -1.34 0.83 28.85
N PHE B 44 -2.23 0.61 29.82
CA PHE B 44 -1.93 0.95 31.22
C PHE B 44 -0.87 0.05 31.84
N THR B 45 -0.56 -1.08 31.21
CA THR B 45 0.34 -2.04 31.83
C THR B 45 1.78 -1.55 31.89
N LEU B 46 2.14 -0.55 31.09
CA LEU B 46 3.50 -0.02 31.07
C LEU B 46 3.76 1.01 32.17
N GLY B 47 2.72 1.51 32.82
CA GLY B 47 2.90 2.57 33.79
C GLY B 47 3.38 3.87 33.21
N ALA B 48 3.19 4.08 31.91
CA ALA B 48 3.63 5.29 31.21
C ALA B 48 2.39 6.15 30.90
N TYR B 49 2.28 7.27 31.59
CA TYR B 49 1.17 8.20 31.41
C TYR B 49 1.69 9.49 30.80
N LYS B 50 1.02 9.97 29.75
CA LYS B 50 1.48 11.16 29.04
C LYS B 50 1.36 12.41 29.91
N PHE B 51 0.30 12.49 30.72
CA PHE B 51 -0.12 13.74 31.34
C PHE B 51 -0.05 13.62 32.85
N ARG B 52 0.96 14.24 33.44
CA ARG B 52 1.25 14.16 34.87
C ARG B 52 1.56 15.55 35.40
N THR B 53 1.65 15.63 36.73
CA THR B 53 2.29 16.74 37.42
C THR B 53 3.65 16.34 37.97
N THR B 54 4.12 15.14 37.64
CA THR B 54 5.37 14.57 38.12
C THR B 54 6.44 14.62 37.03
N PRO B 55 7.72 14.60 37.40
CA PRO B 55 8.78 14.68 36.39
C PRO B 55 8.79 13.49 35.44
N SER B 56 9.66 13.60 34.43
CA SER B 56 9.76 12.58 33.38
C SER B 56 10.22 11.25 33.95
N GLY B 57 9.53 10.17 33.55
CA GLY B 57 9.83 8.84 34.03
C GLY B 57 9.08 8.43 35.27
N SER B 58 8.46 9.37 35.96
CA SER B 58 7.73 9.07 37.18
C SER B 58 6.33 8.54 36.87
N LEU B 59 5.76 7.84 37.85
CA LEU B 59 4.37 7.46 37.79
C LEU B 59 3.49 8.69 37.93
N PRO B 60 2.24 8.62 37.51
CA PRO B 60 1.30 9.71 37.80
C PRO B 60 0.79 9.60 39.23
N THR B 61 0.45 10.76 39.80
CA THR B 61 -0.27 10.74 41.06
C THR B 61 -1.69 10.26 40.83
N ASP B 62 -2.34 9.82 41.91
CA ASP B 62 -3.74 9.41 41.80
C ASP B 62 -4.61 10.57 41.30
N GLU B 63 -4.21 11.80 41.63
CA GLU B 63 -4.96 12.97 41.15
C GLU B 63 -4.72 13.21 39.67
N ASP B 64 -3.52 12.92 39.17
CA ASP B 64 -3.25 13.06 37.74
C ASP B 64 -4.16 12.17 36.93
N ILE B 65 -4.34 10.92 37.36
CA ILE B 65 -5.19 9.99 36.62
C ILE B 65 -6.65 10.44 36.69
N TYR B 66 -7.12 10.81 37.88
CA TYR B 66 -8.49 11.28 38.03
C TYR B 66 -8.75 12.51 37.17
N ARG B 67 -7.74 13.36 36.99
CA ARG B 67 -7.92 14.55 36.16
C ARG B 67 -8.10 14.18 34.70
N THR B 68 -7.26 13.26 34.20
CA THR B 68 -7.36 12.85 32.80
C THR B 68 -8.70 12.15 32.53
N ILE B 69 -9.17 11.35 33.48
CA ILE B 69 -10.46 10.68 33.33
C ILE B 69 -11.59 11.71 33.25
N SER B 70 -11.54 12.73 34.12
CA SER B 70 -12.61 13.72 34.14
C SER B 70 -12.57 14.62 32.91
N TYR B 71 -11.38 15.06 32.52
CA TYR B 71 -11.28 16.03 31.42
C TYR B 71 -11.29 15.35 30.06
N GLY B 72 -10.79 14.12 29.97
CA GLY B 72 -10.66 13.45 28.69
C GLY B 72 -9.39 13.88 27.98
N VAL B 73 -9.20 13.30 26.80
CA VAL B 73 -8.03 13.63 25.98
C VAL B 73 -8.51 14.10 24.61
N PRO B 74 -8.44 15.40 24.32
CA PRO B 74 -8.81 15.86 22.97
C PRO B 74 -7.95 15.24 21.90
N ASN B 75 -8.43 15.33 20.66
CA ASN B 75 -7.80 14.70 19.50
C ASN B 75 -7.73 13.18 19.65
N SER B 76 -8.72 12.61 20.30
CA SER B 76 -8.81 11.16 20.50
C SER B 76 -10.22 10.83 20.93
N THR B 77 -10.52 9.52 20.96
CA THR B 77 -11.82 9.04 21.39
C THR B 77 -11.99 9.06 22.91
N MET B 78 -11.01 9.59 23.65
CA MET B 78 -11.06 9.66 25.11
C MET B 78 -11.93 10.84 25.52
N ILE B 79 -13.22 10.57 25.69
CA ILE B 79 -14.19 11.61 26.04
C ILE B 79 -14.02 11.99 27.50
N PRO B 80 -14.52 13.15 27.93
CA PRO B 80 -14.65 13.40 29.37
C PRO B 80 -15.67 12.45 29.97
N TRP B 81 -15.41 12.03 31.21
CA TRP B 81 -16.33 11.15 31.92
C TRP B 81 -17.00 11.89 33.08
N ASP B 82 -17.24 13.19 32.91
CA ASP B 82 -18.11 13.92 33.83
C ASP B 82 -19.49 13.31 33.91
N ILE B 83 -19.88 12.51 32.92
CA ILE B 83 -21.15 11.79 32.95
C ILE B 83 -21.18 10.82 34.12
N LEU B 84 -20.02 10.34 34.56
CA LEU B 84 -19.92 9.46 35.70
C LEU B 84 -19.78 10.28 36.99
N THR B 85 -20.14 9.66 38.11
CA THR B 85 -20.10 10.35 39.38
C THR B 85 -18.66 10.54 39.86
N GLU B 86 -18.51 11.43 40.83
CA GLU B 86 -17.21 11.68 41.44
C GLU B 86 -16.61 10.38 41.98
N GLU B 87 -17.40 9.59 42.70
CA GLU B 87 -16.91 8.36 43.28
C GLU B 87 -16.59 7.32 42.22
N GLN B 88 -17.39 7.23 41.17
CA GLN B 88 -17.17 6.25 40.12
C GLN B 88 -15.82 6.47 39.43
N ARG B 89 -15.53 7.72 39.06
CA ARG B 89 -14.25 8.03 38.44
C ARG B 89 -13.08 7.80 39.39
N ALA B 90 -13.32 7.97 40.69
CA ALA B 90 -12.24 7.76 41.67
C ALA B 90 -12.02 6.27 41.94
N SER B 91 -13.05 5.44 41.81
CA SER B 91 -12.93 4.02 42.11
C SER B 91 -12.17 3.25 41.03
N VAL B 92 -12.04 3.81 39.82
CA VAL B 92 -11.31 3.13 38.76
C VAL B 92 -9.83 3.50 38.73
N VAL B 93 -9.42 4.53 39.47
CA VAL B 93 -8.00 4.87 39.56
C VAL B 93 -7.16 3.69 40.03
N PRO B 94 -7.47 3.01 41.14
CA PRO B 94 -6.65 1.85 41.52
C PRO B 94 -6.71 0.71 40.53
N VAL B 95 -7.85 0.55 39.83
CA VAL B 95 -7.94 -0.48 38.80
C VAL B 95 -6.91 -0.24 37.71
N LEU B 96 -6.79 1.01 37.26
CA LEU B 96 -5.75 1.35 36.29
C LEU B 96 -4.37 1.17 36.87
N LYS B 97 -4.20 1.45 38.17
CA LYS B 97 -2.89 1.28 38.81
C LYS B 97 -2.52 -0.19 38.93
N SER B 98 -3.50 -1.08 39.10
CA SER B 98 -3.22 -2.50 39.27
C SER B 98 -2.75 -3.17 37.99
N PHE B 99 -2.82 -2.48 36.85
CA PHE B 99 -2.39 -3.07 35.58
C PHE B 99 -0.89 -3.07 35.40
N SER B 100 -0.16 -2.27 36.17
CA SER B 100 1.28 -2.14 36.03
C SER B 100 1.96 -2.43 37.36
N GLU B 101 2.95 -3.33 37.32
CA GLU B 101 3.71 -3.66 38.53
C GLU B 101 4.47 -2.45 39.06
N ALA B 102 4.78 -1.49 38.19
CA ALA B 102 5.57 -0.33 38.61
C ALA B 102 4.88 0.45 39.73
N PHE B 103 3.55 0.44 39.76
CA PHE B 103 2.83 1.15 40.82
C PHE B 103 3.03 0.49 42.19
N GLU B 104 3.32 -0.80 42.21
CA GLU B 104 3.46 -1.52 43.47
C GLU B 104 4.87 -1.42 44.06
N TYR B 105 5.87 -1.11 43.25
CA TYR B 105 7.26 -1.08 43.71
C TYR B 105 7.78 0.34 43.93
N ARG B 106 7.44 1.27 43.05
CA ARG B 106 7.86 2.66 43.17
C ARG B 106 6.67 3.53 43.55
N GLU B 107 6.96 4.64 44.23
CA GLU B 107 6.04 5.67 44.65
C GLU B 107 6.14 6.87 43.70
N PRO B 108 5.03 7.50 43.34
CA PRO B 108 5.10 8.64 42.41
C PRO B 108 5.92 9.79 43.00
N GLU B 109 6.75 10.38 42.15
CA GLU B 109 7.61 11.48 42.54
C GLU B 109 6.75 12.70 42.94
N PRO B 110 7.31 13.61 43.74
CA PRO B 110 6.53 14.77 44.18
C PRO B 110 6.11 15.64 43.01
N SER B 111 4.91 16.20 43.11
CA SER B 111 4.39 17.08 42.06
C SER B 111 5.29 18.31 41.92
N VAL B 112 5.49 18.74 40.67
CA VAL B 112 6.26 19.94 40.43
C VAL B 112 5.47 21.17 40.85
N ASP B 113 6.20 22.26 41.10
CA ASP B 113 5.60 23.52 41.51
C ASP B 113 5.46 24.40 40.27
N VAL B 114 4.22 24.69 39.88
CA VAL B 114 3.97 25.50 38.69
C VAL B 114 4.58 26.88 38.85
N GLY B 115 4.32 27.53 39.98
CA GLY B 115 4.73 28.90 40.15
C GLY B 115 3.70 29.85 39.56
N LEU B 116 4.12 31.09 39.37
CA LEU B 116 3.21 32.09 38.84
C LEU B 116 3.40 32.23 37.34
N PRO B 117 2.33 32.10 36.55
CA PRO B 117 2.48 32.26 35.09
C PRO B 117 2.94 33.67 34.74
N LEU B 118 3.99 33.76 33.93
CA LEU B 118 4.54 35.05 33.53
C LEU B 118 3.60 35.76 32.57
N ARG B 119 3.68 37.08 32.58
CA ARG B 119 2.83 37.91 31.73
C ARG B 119 3.28 37.82 30.28
N PRO B 120 2.42 37.37 29.37
CA PRO B 120 2.82 37.31 27.96
C PRO B 120 2.99 38.70 27.36
N THR B 121 4.10 38.89 26.63
CA THR B 121 4.40 40.15 25.97
C THR B 121 4.96 39.86 24.59
N GLU B 122 5.17 40.92 23.81
CA GLU B 122 5.90 40.76 22.56
C GLU B 122 7.31 40.25 22.79
N ARG B 123 7.89 40.56 23.96
CA ARG B 123 9.25 40.13 24.26
C ARG B 123 9.29 38.63 24.56
N THR B 124 8.38 38.16 25.42
CA THR B 124 8.37 36.75 25.81
C THR B 124 8.07 35.84 24.62
N ILE B 125 7.23 36.30 23.69
CA ILE B 125 6.88 35.48 22.53
C ILE B 125 8.10 35.30 21.62
N LEU B 126 8.87 36.37 21.41
CA LEU B 126 10.04 36.27 20.55
C LEU B 126 11.15 35.46 21.19
N ALA B 127 11.25 35.48 22.52
CA ALA B 127 12.22 34.62 23.20
C ALA B 127 11.84 33.17 23.08
N GLY B 128 10.55 32.86 23.01
CA GLY B 128 10.08 31.51 22.80
C GLY B 128 10.22 31.08 21.36
N LYS B 129 10.01 32.01 20.43
CA LYS B 129 10.25 31.72 19.02
C LYS B 129 11.70 31.33 18.78
N LYS B 130 12.63 32.00 19.46
CA LYS B 130 14.04 31.68 19.31
C LYS B 130 14.35 30.28 19.83
N ILE B 131 13.79 29.92 20.99
CA ILE B 131 13.98 28.58 21.53
C ILE B 131 13.35 27.54 20.63
N TYR B 132 12.11 27.80 20.18
CA TYR B 132 11.37 26.83 19.37
C TYR B 132 12.07 26.53 18.06
N GLU B 133 12.72 27.54 17.46
CA GLU B 133 13.25 27.40 16.11
C GLU B 133 14.75 27.24 16.04
N GLU B 134 15.50 27.76 17.01
CA GLU B 134 16.96 27.73 16.97
C GLU B 134 17.55 26.86 18.07
N LYS B 135 17.21 27.15 19.34
CA LYS B 135 17.91 26.51 20.45
C LYS B 135 17.56 25.03 20.58
N LEU B 136 16.31 24.67 20.30
CA LEU B 136 15.88 23.29 20.44
C LEU B 136 15.25 22.70 19.18
N GLU B 137 15.00 23.52 18.16
CA GLU B 137 14.53 23.06 16.85
C GLU B 137 13.31 22.15 16.97
N CYS B 138 12.26 22.72 17.56
CA CYS B 138 11.01 21.97 17.70
C CYS B 138 10.30 21.78 16.37
N TRP B 139 10.63 22.59 15.36
CA TRP B 139 10.05 22.43 14.03
C TRP B 139 10.43 21.12 13.38
N LYS B 140 11.42 20.41 13.92
CA LYS B 140 11.78 19.09 13.42
C LYS B 140 10.56 18.16 13.39
N CYS B 141 9.92 17.97 14.53
CA CYS B 141 8.72 17.14 14.62
C CYS B 141 7.44 17.93 14.33
N HIS B 142 7.35 19.17 14.83
CA HIS B 142 6.10 19.90 14.80
C HIS B 142 5.95 20.85 13.62
N GLY B 143 7.04 21.21 12.95
CA GLY B 143 6.98 22.13 11.84
C GLY B 143 7.14 23.58 12.27
N VAL B 144 7.35 24.45 11.28
CA VAL B 144 7.64 25.85 11.54
C VAL B 144 6.45 26.53 12.21
N GLU B 145 5.24 26.17 11.82
CA GLU B 145 4.03 26.76 12.37
C GLU B 145 3.36 25.89 13.41
N GLY B 146 3.92 24.71 13.71
CA GLY B 146 3.29 23.79 14.64
C GLY B 146 2.22 22.92 14.03
N ARG B 147 2.20 22.80 12.71
CA ARG B 147 1.18 22.01 12.01
C ARG B 147 1.40 20.51 12.14
N GLY B 148 2.54 20.08 12.68
CA GLY B 148 2.83 18.66 12.75
C GLY B 148 3.32 18.08 11.44
N ASP B 149 3.94 18.89 10.59
CA ASP B 149 4.40 18.47 9.27
C ASP B 149 5.90 18.71 9.09
N GLY B 150 6.66 18.64 10.18
CA GLY B 150 8.10 18.77 10.11
C GLY B 150 8.73 17.58 9.40
N PRO B 151 10.04 17.67 9.15
CA PRO B 151 10.72 16.57 8.45
C PRO B 151 10.67 15.25 9.20
N SER B 152 10.82 15.27 10.52
CA SER B 152 10.84 14.06 11.33
C SER B 152 9.46 13.65 11.83
N ALA B 153 8.39 14.22 11.29
CA ALA B 153 7.06 14.03 11.87
C ALA B 153 6.53 12.63 11.61
N SER B 154 6.54 12.19 10.35
CA SER B 154 5.90 10.93 9.99
C SER B 154 6.58 9.72 10.60
N GLU B 155 7.84 9.83 11.02
CA GLU B 155 8.61 8.68 11.46
C GLU B 155 8.59 8.47 12.97
N GLN B 156 7.92 9.34 13.72
CA GLN B 156 7.92 9.20 15.17
C GLN B 156 7.07 8.00 15.59
N GLU B 157 7.46 7.39 16.72
CA GLU B 157 6.82 6.17 17.19
C GLU B 157 6.71 6.17 18.70
N ASP B 158 5.68 5.48 19.19
CA ASP B 158 5.49 5.27 20.62
C ASP B 158 6.62 4.42 21.20
N ASP B 159 6.63 4.33 22.52
CA ASP B 159 7.36 3.25 23.18
C ASP B 159 6.60 1.93 23.12
N PHE B 160 5.34 1.96 22.69
CA PHE B 160 4.56 0.76 22.43
C PHE B 160 4.70 0.27 21.00
N GLY B 161 5.54 0.92 20.19
CA GLY B 161 5.73 0.54 18.81
C GLY B 161 4.76 1.15 17.83
N PHE B 162 3.95 2.12 18.25
CA PHE B 162 2.95 2.67 17.36
C PHE B 162 3.39 4.03 16.81
N PRO B 163 3.05 4.32 15.56
CA PRO B 163 3.26 5.66 15.01
C PRO B 163 2.56 6.71 15.87
N ILE B 164 3.32 7.72 16.28
CA ILE B 164 2.77 8.90 16.95
C ILE B 164 3.27 10.12 16.17
N LYS B 165 2.52 10.50 15.14
CA LYS B 165 2.83 11.70 14.39
C LYS B 165 2.23 12.90 15.09
N PRO B 166 3.02 13.89 15.49
CA PRO B 166 2.49 15.00 16.31
C PRO B 166 1.32 15.69 15.63
N PHE B 167 0.17 15.67 16.30
CA PHE B 167 -1.03 16.27 15.75
C PHE B 167 -0.84 17.77 15.58
N ASP B 168 -1.61 18.34 14.65
CA ASP B 168 -1.64 19.78 14.44
C ASP B 168 -2.25 20.44 15.68
N PHE B 169 -1.45 21.17 16.44
CA PHE B 169 -1.94 21.84 17.64
C PHE B 169 -2.32 23.30 17.41
N THR B 170 -2.26 23.78 16.17
CA THR B 170 -2.71 25.15 15.90
C THR B 170 -4.21 25.31 16.12
N THR B 171 -4.95 24.21 16.22
CA THR B 171 -6.36 24.28 16.59
C THR B 171 -6.56 24.69 18.04
N GLY B 172 -5.53 24.52 18.87
CA GLY B 172 -5.62 24.83 20.28
C GLY B 172 -6.16 23.72 21.15
N LYS B 173 -6.47 22.56 20.58
CA LYS B 173 -6.98 21.43 21.36
C LYS B 173 -5.80 20.53 21.74
N PHE B 174 -5.10 20.95 22.79
CA PHE B 174 -4.01 20.15 23.33
C PHE B 174 -4.55 18.98 24.12
N LYS B 175 -3.82 17.86 24.07
CA LYS B 175 -4.32 16.63 24.69
C LYS B 175 -4.35 16.74 26.20
N GLY B 176 -3.38 17.42 26.80
CA GLY B 176 -3.34 17.61 28.23
C GLY B 176 -4.11 18.79 28.77
N GLY B 177 -4.69 19.61 27.89
CA GLY B 177 -5.39 20.80 28.29
C GLY B 177 -4.83 22.02 27.57
N ASN B 178 -5.71 22.97 27.27
CA ASN B 178 -5.34 24.15 26.49
C ASN B 178 -4.99 25.35 27.36
N SER B 179 -4.78 25.16 28.65
CA SER B 179 -4.42 26.26 29.53
C SER B 179 -2.93 26.58 29.39
N PRO B 180 -2.54 27.84 29.62
CA PRO B 180 -1.11 28.16 29.66
C PRO B 180 -0.37 27.39 30.75
N THR B 181 -1.03 27.11 31.89
CA THR B 181 -0.44 26.26 32.90
C THR B 181 -0.30 24.82 32.42
N ASP B 182 -1.29 24.34 31.65
CA ASP B 182 -1.25 22.98 31.13
C ASP B 182 -0.08 22.80 30.17
N VAL B 183 0.09 23.75 29.24
CA VAL B 183 1.17 23.64 28.27
C VAL B 183 2.52 23.78 28.96
N TYR B 184 2.61 24.68 29.95
CA TYR B 184 3.84 24.80 30.72
C TYR B 184 4.15 23.51 31.47
N LEU B 185 3.11 22.82 31.96
CA LEU B 185 3.32 21.56 32.65
C LEU B 185 3.92 20.51 31.73
N ARG B 186 3.44 20.44 30.49
CA ARG B 186 3.95 19.46 29.54
C ARG B 186 5.45 19.66 29.30
N PHE B 187 5.88 20.90 29.14
CA PHE B 187 7.29 21.18 28.91
C PHE B 187 8.14 20.95 30.17
N THR B 188 7.51 21.01 31.34
CA THR B 188 8.23 20.80 32.60
C THR B 188 8.24 19.34 33.04
N THR B 189 7.29 18.54 32.56
CA THR B 189 7.19 17.14 32.97
C THR B 189 7.57 16.15 31.88
N GLY B 190 7.37 16.49 30.62
CA GLY B 190 7.56 15.54 29.55
C GLY B 190 6.42 14.54 29.46
N LEU B 191 6.29 13.95 28.27
CA LEU B 191 5.21 13.00 27.98
C LEU B 191 5.80 11.60 27.98
N ASN B 192 5.60 10.87 29.08
CA ASN B 192 6.15 9.53 29.21
C ASN B 192 5.58 8.59 28.16
N GLY B 193 6.47 7.85 27.49
CA GLY B 193 6.08 6.91 26.47
C GLY B 193 6.15 7.44 25.05
N THR B 194 6.44 8.72 24.88
CA THR B 194 6.50 9.37 23.58
C THR B 194 7.86 10.02 23.39
N PRO B 195 8.27 10.27 22.14
CA PRO B 195 9.53 10.98 21.90
C PRO B 195 9.51 12.44 22.33
N MET B 196 8.39 12.94 22.86
CA MET B 196 8.30 14.29 23.40
C MET B 196 8.88 14.30 24.81
N PRO B 197 10.09 14.83 25.00
CA PRO B 197 10.76 14.71 26.30
C PRO B 197 10.39 15.83 27.25
N SER B 198 11.00 15.82 28.44
CA SER B 198 10.89 16.94 29.37
C SER B 198 12.00 17.94 29.09
N PHE B 199 11.65 19.22 29.18
CA PHE B 199 12.62 20.30 29.05
C PHE B 199 12.84 21.02 30.37
N ALA B 200 12.54 20.36 31.50
CA ALA B 200 12.81 20.94 32.81
C ALA B 200 14.29 21.16 33.04
N LYS B 201 15.13 20.38 32.36
CA LYS B 201 16.58 20.49 32.56
C LYS B 201 17.24 21.39 31.52
N GLU B 202 16.75 21.36 30.28
CA GLU B 202 17.34 22.20 29.24
C GLU B 202 16.99 23.66 29.41
N LEU B 203 15.86 23.97 30.05
CA LEU B 203 15.37 25.32 30.17
C LEU B 203 14.99 25.65 31.61
N SER B 204 15.10 26.92 31.96
CA SER B 204 14.67 27.40 33.26
C SER B 204 13.14 27.54 33.30
N ASP B 205 12.62 27.85 34.49
CA ASP B 205 11.19 28.09 34.62
C ASP B 205 10.73 29.24 33.73
N ASP B 206 11.51 30.32 33.70
CA ASP B 206 11.12 31.49 32.90
C ASP B 206 11.17 31.17 31.40
N GLU B 207 12.16 30.39 30.97
CA GLU B 207 12.30 30.10 29.55
C GLU B 207 11.17 29.21 29.04
N ARG B 208 10.63 28.34 29.89
CA ARG B 208 9.50 27.52 29.49
C ARG B 208 8.20 28.30 29.47
N TRP B 209 8.10 29.40 30.22
CA TRP B 209 6.98 30.30 30.05
C TRP B 209 7.12 31.10 28.76
N TYR B 210 8.35 31.53 28.42
CA TYR B 210 8.60 32.12 27.12
C TYR B 210 8.17 31.16 26.00
N LEU B 211 8.60 29.90 26.11
CA LEU B 211 8.25 28.90 25.10
C LEU B 211 6.75 28.67 25.07
N THR B 212 6.11 28.59 26.23
CA THR B 212 4.67 28.43 26.28
C THR B 212 3.96 29.57 25.57
N HIS B 213 4.41 30.81 25.80
CA HIS B 213 3.76 31.96 25.19
C HIS B 213 3.85 31.90 23.67
N TYR B 214 4.99 31.44 23.13
CA TYR B 214 5.10 31.34 21.68
C TYR B 214 4.26 30.19 21.13
N VAL B 215 4.17 29.09 21.86
CA VAL B 215 3.32 27.98 21.43
C VAL B 215 1.86 28.41 21.36
N MET B 216 1.39 29.14 22.38
CA MET B 216 0.04 29.68 22.33
C MET B 216 -0.12 30.67 21.19
N SER B 217 0.95 31.37 20.82
CA SER B 217 0.89 32.31 19.70
C SER B 217 0.58 31.61 18.39
N LEU B 218 0.99 30.34 18.25
CA LEU B 218 0.76 29.59 17.02
C LEU B 218 -0.69 29.14 16.87
N VAL B 219 -1.49 29.19 17.94
CA VAL B 219 -2.91 28.89 17.83
C VAL B 219 -3.61 29.96 17.02
N GLN B 220 -4.75 29.60 16.44
CA GLN B 220 -5.55 30.55 15.67
C GLN B 220 -6.70 31.10 16.51
#